data_7Q0G
#
_entry.id   7Q0G
#
_cell.length_a   89.292
_cell.length_b   106.538
_cell.length_c   215.611
_cell.angle_alpha   90.000
_cell.angle_beta   90.000
_cell.angle_gamma   90.000
#
_symmetry.space_group_name_H-M   'P 21 21 21'
#
loop_
_entity.id
_entity.type
_entity.pdbx_description
1 polymer 'Spike protein S1'
2 polymer 'FI-3A Fab heavy chain'
3 polymer 'FI-3A Fab light chain'
4 polymer 'Beta-49 Fab light chain'
5 polymer 'Beta-49 Fab heavy chain'
6 branched alpha-D-mannopyranose-(1-3)-beta-D-mannopyranose-(1-4)-2-acetamido-2-deoxy-beta-D-glucopyranose-(1-4)-[alpha-L-fucopyranose-(1-6)]2-acetamido-2-deoxy-beta-D-glucopyranose
7 non-polymer GLYCEROL
8 non-polymer 'CHLORIDE ION'
9 non-polymer 'POTASSIUM ION'
10 non-polymer 'D(-)-TARTARIC ACID'
11 water water
#
loop_
_entity_poly.entity_id
_entity_poly.type
_entity_poly.pdbx_seq_one_letter_code
_entity_poly.pdbx_strand_id
1 'polypeptide(L)'
;MGCVAETGHHHHHHTNLCPFGEVFNATRFASVYAWNRKRISNCVADYSVLYNSASFSTFKCYGVSPTKLNDLCFTNVYAD
SFVIRGDEVRQIAPGQTGNIADYNYKLPDDFTGCVIAWNSNNLDSKVGGNYNYLYRLFRKSNLKPFERDISTEIYQAGST
PCNGVKGFNCYFPLQSYGFQPTYGVGYQPYRVVVLSFELLHAPATVCGKK
;
E
2 'polypeptide(L)'
;EVQLLESGGGLIQPGGSLRLSCAASGFTVSSNYMSWVRQAPGKGLEWVSVIYSGGSTYYADSVKGRFTISRDNSKNTLYL
QMNSLRAEDTAVYYCARDHVRPGMNIWGQGTMVTVSSASTKGPSVFPLAPSSKSTSGGTAALGCLVKDYFPEPVTVSWNS
GALTSGVHTFPAVLQSSGLYSLSSVVTVPSSSLGTQTYICNVNHKPSNTKVDKKVEPKSCDK
;
H
3 'polypeptide(L)'
;AIRMTQSPSSLSASVGDRVTITCQASQDISNYLNWYQQKPGKAPKLLIYDASNLETGVPSRFSGSGSGTDFTFTISSLQP
EDIATYYCQQYDNLPVTFGGGTKVDIKRTVAAPSVFIFPPSDEQLKSGTASVVCLLNNFYPREAKVQWKVDNALQSGNSQ
ESVTEQDSKDSTYSLSSTLTLSKADYEKHKVYACEVTHQGLSSPVTKSFNRGEC
;
L
4 'polypeptide(L)'
;AIRMTQSPGTLSLSPGERATLSCRASQSVSSSYLAWYQQKPGQAPRLLIYGASSRATGIPDRFSGSGSGTDFTLTISRLE
PEDFAVYYCQQYGTSPSWTFGQGTKVEIKRTVAAPSVFIFPPSDEQLKSGTASVVCLLNNFYPREAKVQWKVDNALQSGN
SQESVTEQDSKDSTYSLSSTLTLSKADYEKHKVYACEVTHQGLSSPVTKSFNRGEC
;
B
5 'polypeptide(L)'
;EVQLVQSGAEVKKPGSSVKVSCKASGGTFSSSVISWVRQAPGQGLEWMGGIIPLFGSANYAQKFQGRVTITADESTSTAY
MEMTSLRSEDTAVYYCAKVSQWALILFWGQGTLVTVSSASTKGPSVFPLAPSSKSTSGGTAALGCLVKDYFPEPVTVSWN
SGALTSGVHTFPAVLQSSGLYSLSSVVTVPSSSLGTQTYICNVNHKPSNTKVDKKVEPKSCDK
;
A
#
loop_
_chem_comp.id
_chem_comp.type
_chem_comp.name
_chem_comp.formula
BMA D-saccharide, beta linking beta-D-mannopyranose 'C6 H12 O6'
CL non-polymer 'CHLORIDE ION' 'Cl -1'
FUC L-saccharide, alpha linking alpha-L-fucopyranose 'C6 H12 O5'
GOL non-polymer GLYCEROL 'C3 H8 O3'
K non-polymer 'POTASSIUM ION' 'K 1'
MAN D-saccharide, alpha linking alpha-D-mannopyranose 'C6 H12 O6'
NAG D-saccharide, beta linking 2-acetamido-2-deoxy-beta-D-glucopyranose 'C8 H15 N O6'
TAR non-polymer 'D(-)-TARTARIC ACID' 'C4 H6 O6'
#
# COMPACT_ATOMS: atom_id res chain seq x y z
N THR A 15 -27.78 3.36 -26.67
CA THR A 15 -27.02 3.99 -27.74
C THR A 15 -25.65 4.54 -27.27
N ASN A 16 -25.34 4.36 -25.98
CA ASN A 16 -24.06 4.72 -25.39
C ASN A 16 -23.54 3.57 -24.53
N LEU A 17 -22.25 3.33 -24.61
CA LEU A 17 -21.59 2.43 -23.68
C LEU A 17 -21.31 3.17 -22.38
N CYS A 18 -21.61 2.52 -21.25
CA CYS A 18 -21.34 3.13 -19.96
C CYS A 18 -19.83 3.25 -19.75
N PRO A 19 -19.35 4.41 -19.34
CA PRO A 19 -17.90 4.61 -19.15
C PRO A 19 -17.40 4.06 -17.82
N PHE A 20 -17.48 2.74 -17.67
CA PHE A 20 -17.02 2.12 -16.42
C PHE A 20 -15.50 2.03 -16.32
N GLY A 21 -14.79 2.07 -17.44
CA GLY A 21 -13.34 2.00 -17.39
C GLY A 21 -12.68 3.14 -16.64
N GLU A 22 -13.26 4.35 -16.70
CA GLU A 22 -12.59 5.46 -16.04
C GLU A 22 -12.75 5.44 -14.53
N VAL A 23 -13.57 4.52 -14.01
CA VAL A 23 -13.65 4.25 -12.57
C VAL A 23 -12.73 3.08 -12.17
N PHE A 24 -12.88 1.94 -12.85
CA PHE A 24 -12.17 0.71 -12.50
C PHE A 24 -10.69 0.77 -12.85
N ASN A 25 -10.33 1.42 -13.95
CA ASN A 25 -9.00 1.32 -14.55
C ASN A 25 -8.18 2.58 -14.35
N ALA A 26 -8.67 3.52 -13.53
CA ALA A 26 -7.96 4.79 -13.33
C ALA A 26 -6.57 4.57 -12.75
N THR A 27 -5.64 5.44 -13.14
CA THR A 27 -4.27 5.35 -12.66
C THR A 27 -4.22 5.45 -11.14
N ARG A 28 -4.90 6.43 -10.58
CA ARG A 28 -4.86 6.67 -9.15
C ARG A 28 -6.28 6.62 -8.58
N PHE A 29 -6.40 6.10 -7.37
CA PHE A 29 -7.67 6.05 -6.69
C PHE A 29 -7.67 7.06 -5.55
N ALA A 30 -8.85 7.42 -5.10
CA ALA A 30 -9.01 8.34 -3.98
C ALA A 30 -8.70 7.68 -2.64
N SER A 31 -8.27 8.50 -1.68
CA SER A 31 -8.35 8.09 -0.29
C SER A 31 -9.81 7.89 0.09
N VAL A 32 -10.03 6.96 1.04
CA VAL A 32 -11.40 6.59 1.35
C VAL A 32 -12.13 7.75 2.04
N TYR A 33 -11.40 8.62 2.75
CA TYR A 33 -12.08 9.74 3.39
C TYR A 33 -12.62 10.72 2.38
N ALA A 34 -12.07 10.70 1.16
CA ALA A 34 -12.37 11.63 0.08
C ALA A 34 -12.80 10.84 -1.16
N TRP A 35 -13.67 9.85 -0.94
CA TRP A 35 -13.98 8.85 -1.96
C TRP A 35 -14.63 9.48 -3.19
N ASN A 36 -14.29 8.93 -4.36
CA ASN A 36 -14.82 9.46 -5.60
C ASN A 36 -16.19 8.86 -5.92
N ARG A 37 -16.97 9.61 -6.69
CA ARG A 37 -18.27 9.15 -7.15
C ARG A 37 -18.45 9.61 -8.58
N LYS A 38 -18.78 8.66 -9.46
CA LYS A 38 -19.18 8.92 -10.83
C LYS A 38 -20.60 8.42 -11.03
N ARG A 39 -21.45 9.27 -11.61
CA ARG A 39 -22.81 8.87 -11.97
C ARG A 39 -22.81 8.29 -13.37
N ILE A 40 -23.54 7.18 -13.54
CA ILE A 40 -23.61 6.45 -14.79
C ILE A 40 -25.07 6.46 -15.21
N SER A 41 -25.34 6.95 -16.42
CA SER A 41 -26.73 7.11 -16.82
C SER A 41 -26.84 7.07 -18.34
N ASN A 42 -28.04 6.70 -18.79
CA ASN A 42 -28.43 6.60 -20.19
C ASN A 42 -27.34 5.94 -21.04
N CYS A 43 -27.00 4.71 -20.65
CA CYS A 43 -26.01 3.93 -21.35
C CYS A 43 -26.29 2.44 -21.15
N VAL A 44 -25.59 1.60 -21.93
CA VAL A 44 -25.70 0.15 -21.76
C VAL A 44 -24.32 -0.41 -21.45
N ALA A 45 -24.32 -1.53 -20.73
CA ALA A 45 -23.08 -2.20 -20.35
C ALA A 45 -23.28 -3.71 -20.37
N ASP A 46 -22.27 -4.41 -20.88
CA ASP A 46 -22.22 -5.87 -20.81
C ASP A 46 -21.54 -6.21 -19.49
N TYR A 47 -22.34 -6.47 -18.44
CA TYR A 47 -21.75 -6.78 -17.14
C TYR A 47 -21.08 -8.15 -17.10
N SER A 48 -21.14 -8.94 -18.19
CA SER A 48 -20.42 -10.20 -18.26
C SER A 48 -18.92 -10.01 -18.05
N VAL A 49 -18.33 -9.01 -18.71
CA VAL A 49 -16.94 -8.69 -18.50
C VAL A 49 -16.60 -8.47 -17.04
N LEU A 50 -17.58 -8.11 -16.22
CA LEU A 50 -17.35 -7.90 -14.80
C LEU A 50 -17.46 -9.21 -14.01
N TYR A 51 -18.62 -9.88 -14.04
CA TYR A 51 -18.80 -11.05 -13.20
C TYR A 51 -18.11 -12.29 -13.73
N ASN A 52 -17.52 -12.24 -14.93
CA ASN A 52 -16.71 -13.33 -15.43
C ASN A 52 -15.21 -13.03 -15.33
N SER A 53 -14.85 -11.96 -14.62
CA SER A 53 -13.45 -11.65 -14.36
C SER A 53 -12.95 -12.40 -13.13
N ALA A 54 -11.74 -12.95 -13.24
CA ALA A 54 -11.06 -13.54 -12.09
C ALA A 54 -10.23 -12.54 -11.31
N SER A 55 -10.17 -11.29 -11.78
CA SER A 55 -9.32 -10.22 -11.23
C SER A 55 -9.76 -9.75 -9.85
N PHE A 56 -10.83 -10.30 -9.29
CA PHE A 56 -11.52 -9.71 -8.14
C PHE A 56 -11.46 -10.62 -6.94
N SER A 57 -10.98 -10.09 -5.83
CA SER A 57 -10.95 -10.83 -4.57
C SER A 57 -12.26 -10.69 -3.79
N THR A 58 -13.00 -9.60 -4.00
CA THR A 58 -14.32 -9.42 -3.42
C THR A 58 -15.28 -9.00 -4.52
N PHE A 59 -16.44 -9.62 -4.54
CA PHE A 59 -17.48 -9.30 -5.51
C PHE A 59 -18.78 -9.78 -4.86
N LYS A 60 -19.28 -8.95 -3.93
CA LYS A 60 -20.49 -9.23 -3.19
C LYS A 60 -21.58 -8.25 -3.61
N CYS A 61 -22.74 -8.78 -3.97
CA CYS A 61 -23.88 -8.00 -4.41
C CYS A 61 -25.02 -8.14 -3.41
N TYR A 62 -25.78 -7.07 -3.26
CA TYR A 62 -26.87 -6.98 -2.31
C TYR A 62 -28.11 -6.48 -3.04
N GLY A 63 -29.22 -7.19 -2.88
CA GLY A 63 -30.44 -6.85 -3.56
C GLY A 63 -30.49 -7.27 -5.01
N VAL A 64 -29.36 -7.66 -5.60
CA VAL A 64 -29.32 -8.13 -6.97
C VAL A 64 -28.38 -9.33 -7.07
N SER A 65 -28.64 -10.20 -8.03
CA SER A 65 -27.75 -11.34 -8.29
C SER A 65 -26.69 -10.94 -9.33
N PRO A 66 -25.41 -11.23 -9.07
CA PRO A 66 -24.35 -10.76 -9.99
C PRO A 66 -24.50 -11.29 -11.40
N THR A 67 -24.83 -12.58 -11.54
CA THR A 67 -25.00 -13.26 -12.82
C THR A 67 -26.29 -12.85 -13.54
N LYS A 68 -26.98 -11.82 -13.04
CA LYS A 68 -28.25 -11.40 -13.60
C LYS A 68 -28.27 -9.91 -13.95
N LEU A 69 -27.17 -9.19 -13.73
CA LEU A 69 -27.14 -7.74 -13.95
C LEU A 69 -27.45 -7.37 -15.39
N ASN A 70 -27.14 -8.27 -16.33
CA ASN A 70 -27.45 -8.07 -17.74
C ASN A 70 -28.94 -8.25 -18.03
N ASP A 71 -29.73 -8.66 -17.05
CA ASP A 71 -31.16 -8.86 -17.25
C ASP A 71 -31.99 -7.74 -16.66
N LEU A 72 -31.35 -6.76 -16.00
CA LEU A 72 -32.04 -5.68 -15.32
C LEU A 72 -31.66 -4.35 -15.93
N CYS A 73 -32.61 -3.42 -15.86
CA CYS A 73 -32.36 -2.01 -16.13
C CYS A 73 -32.49 -1.22 -14.83
N PHE A 74 -31.77 -0.11 -14.75
CA PHE A 74 -31.80 0.76 -13.58
C PHE A 74 -31.96 2.21 -14.00
N THR A 75 -32.57 3.00 -13.11
CA THR A 75 -32.76 4.41 -13.39
C THR A 75 -31.43 5.14 -13.36
N ASN A 76 -30.58 4.78 -12.41
CA ASN A 76 -29.32 5.46 -12.20
C ASN A 76 -28.35 4.49 -11.55
N VAL A 77 -27.09 4.57 -11.92
CA VAL A 77 -26.00 3.82 -11.29
C VAL A 77 -24.95 4.80 -10.82
N TYR A 78 -24.55 4.68 -9.56
CA TYR A 78 -23.41 5.42 -9.03
C TYR A 78 -22.24 4.47 -8.85
N ALA A 79 -21.05 4.93 -9.24
CA ALA A 79 -19.82 4.16 -9.05
C ALA A 79 -18.91 4.95 -8.13
N ASP A 80 -18.83 4.51 -6.87
CA ASP A 80 -17.93 5.05 -5.87
C ASP A 80 -16.65 4.20 -5.82
N SER A 81 -15.53 4.84 -5.49
CA SER A 81 -14.25 4.14 -5.54
C SER A 81 -13.25 4.81 -4.60
N PHE A 82 -12.37 3.99 -4.02
CA PHE A 82 -11.40 4.44 -3.03
C PHE A 82 -10.45 3.27 -2.73
N VAL A 83 -9.44 3.55 -1.89
CA VAL A 83 -8.48 2.56 -1.42
C VAL A 83 -8.59 2.40 0.10
N ILE A 84 -8.65 1.14 0.54
CA ILE A 84 -8.55 0.75 1.94
C ILE A 84 -7.57 -0.41 2.04
N ARG A 85 -7.27 -0.84 3.27
CA ARG A 85 -6.48 -2.06 3.40
C ARG A 85 -7.38 -3.29 3.41
N GLY A 86 -6.76 -4.45 3.18
CA GLY A 86 -7.54 -5.67 2.97
C GLY A 86 -8.48 -5.98 4.12
N ASP A 87 -7.97 -5.89 5.35
CA ASP A 87 -8.74 -6.14 6.56
C ASP A 87 -9.94 -5.23 6.71
N GLU A 88 -10.07 -4.18 5.91
CA GLU A 88 -11.18 -3.25 6.05
C GLU A 88 -12.26 -3.43 4.99
N VAL A 89 -12.00 -4.23 3.94
CA VAL A 89 -13.00 -4.45 2.92
C VAL A 89 -14.29 -5.04 3.51
N ARG A 90 -14.19 -5.75 4.65
CA ARG A 90 -15.41 -6.32 5.25
C ARG A 90 -16.35 -5.26 5.79
N GLN A 91 -15.85 -4.04 6.05
CA GLN A 91 -16.70 -2.93 6.49
C GLN A 91 -17.50 -2.31 5.36
N ILE A 92 -17.08 -2.53 4.12
CA ILE A 92 -17.84 -2.02 2.99
C ILE A 92 -18.99 -2.97 2.73
N ALA A 93 -19.96 -2.95 3.64
CA ALA A 93 -21.15 -3.77 3.52
C ALA A 93 -22.22 -3.16 4.40
N PRO A 94 -23.50 -3.38 4.10
CA PRO A 94 -24.55 -2.85 4.99
C PRO A 94 -24.49 -3.49 6.37
N GLY A 95 -24.86 -2.70 7.36
CA GLY A 95 -24.89 -3.17 8.74
C GLY A 95 -23.54 -3.23 9.44
N GLN A 96 -22.48 -2.69 8.85
CA GLN A 96 -21.15 -2.81 9.43
C GLN A 96 -20.74 -1.54 10.17
N THR A 97 -19.88 -1.72 11.18
CA THR A 97 -19.27 -0.67 11.97
C THR A 97 -17.75 -0.79 11.88
N GLY A 98 -17.05 0.24 12.36
CA GLY A 98 -15.60 0.25 12.30
C GLY A 98 -15.03 1.58 11.82
N ASN A 99 -13.70 1.72 11.79
CA ASN A 99 -13.08 2.99 11.42
C ASN A 99 -13.52 3.44 10.02
N ILE A 100 -13.65 2.53 9.06
CA ILE A 100 -14.00 2.92 7.70
C ILE A 100 -15.50 3.18 7.57
N ALA A 101 -16.32 2.26 8.08
CA ALA A 101 -17.76 2.44 7.92
C ALA A 101 -18.27 3.61 8.74
N ASP A 102 -17.66 3.85 9.91
CA ASP A 102 -18.17 4.89 10.81
C ASP A 102 -17.73 6.29 10.38
N TYR A 103 -16.50 6.43 9.91
CA TYR A 103 -15.88 7.73 9.70
C TYR A 103 -15.44 8.01 8.27
N ASN A 104 -15.62 7.06 7.34
CA ASN A 104 -15.07 7.27 6.00
C ASN A 104 -16.04 7.00 4.85
N TYR A 105 -16.59 5.79 4.78
CA TYR A 105 -17.54 5.42 3.71
C TYR A 105 -18.54 4.43 4.29
N LYS A 106 -19.82 4.82 4.25
CA LYS A 106 -20.91 4.11 4.88
C LYS A 106 -21.95 3.72 3.85
N LEU A 107 -22.29 2.43 3.79
CA LEU A 107 -23.40 1.95 2.99
C LEU A 107 -24.67 1.88 3.82
N PRO A 108 -25.82 2.22 3.25
CA PRO A 108 -27.08 2.11 4.00
C PRO A 108 -27.47 0.66 4.22
N ASP A 109 -28.34 0.46 5.22
CA ASP A 109 -28.84 -0.88 5.53
C ASP A 109 -29.64 -1.49 4.39
N ASP A 110 -30.38 -0.65 3.64
CA ASP A 110 -31.16 -1.11 2.50
C ASP A 110 -30.40 -1.00 1.18
N PHE A 111 -29.08 -1.12 1.22
CA PHE A 111 -28.26 -0.99 0.01
C PHE A 111 -28.65 -2.02 -1.04
N THR A 112 -28.84 -1.56 -2.28
CA THR A 112 -28.96 -2.44 -3.44
C THR A 112 -27.82 -2.13 -4.41
N GLY A 113 -26.95 -3.11 -4.64
CA GLY A 113 -25.78 -2.89 -5.45
C GLY A 113 -24.71 -3.94 -5.19
N CYS A 114 -23.51 -3.67 -5.71
CA CYS A 114 -22.37 -4.58 -5.65
C CYS A 114 -21.14 -3.89 -5.08
N VAL A 115 -20.40 -4.60 -4.24
CA VAL A 115 -19.09 -4.17 -3.77
C VAL A 115 -18.03 -5.04 -4.42
N ILE A 116 -17.07 -4.40 -5.08
CA ILE A 116 -16.02 -5.03 -5.86
C ILE A 116 -14.69 -4.53 -5.36
N ALA A 117 -13.74 -5.45 -5.15
CA ALA A 117 -12.46 -5.08 -4.55
C ALA A 117 -11.35 -5.98 -5.08
N TRP A 118 -10.15 -5.42 -5.18
CA TRP A 118 -9.01 -6.20 -5.63
C TRP A 118 -7.73 -5.64 -5.03
N ASN A 119 -6.72 -6.51 -4.93
CA ASN A 119 -5.45 -6.15 -4.33
C ASN A 119 -4.68 -5.22 -5.26
N SER A 120 -4.14 -4.13 -4.70
CA SER A 120 -3.43 -3.14 -5.49
C SER A 120 -2.05 -2.84 -4.92
N ASN A 121 -1.42 -3.84 -4.29
CA ASN A 121 -0.09 -3.65 -3.72
C ASN A 121 0.88 -3.10 -4.75
N ASN A 122 0.83 -3.64 -5.98
CA ASN A 122 1.78 -3.26 -7.01
C ASN A 122 1.59 -1.83 -7.49
N LEU A 123 0.42 -1.26 -7.29
CA LEU A 123 0.13 0.08 -7.75
C LEU A 123 0.22 1.13 -6.66
N ASP A 124 -0.20 0.79 -5.43
CA ASP A 124 -0.42 1.76 -4.36
C ASP A 124 0.54 1.62 -3.19
N SER A 125 1.45 0.65 -3.21
CA SER A 125 2.50 0.55 -2.21
C SER A 125 3.78 1.18 -2.75
N LYS A 126 4.58 1.72 -1.83
CA LYS A 126 5.91 2.22 -2.15
C LYS A 126 6.88 1.75 -1.07
N VAL A 127 8.16 1.68 -1.45
CA VAL A 127 9.15 1.05 -0.60
C VAL A 127 9.30 1.81 0.72
N GLY A 128 9.43 3.12 0.63
CA GLY A 128 9.49 3.85 1.89
C GLY A 128 8.17 3.99 2.59
N GLY A 129 7.09 3.47 2.01
CA GLY A 129 5.75 3.73 2.49
C GLY A 129 5.07 4.81 1.65
N ASN A 130 3.85 4.54 1.20
CA ASN A 130 3.05 5.48 0.44
C ASN A 130 2.11 6.18 1.44
N TYR A 131 2.43 7.43 1.77
CA TYR A 131 1.67 8.19 2.74
C TYR A 131 0.58 9.05 2.11
N ASN A 132 0.30 8.86 0.82
CA ASN A 132 -0.71 9.63 0.12
C ASN A 132 -2.12 9.08 0.33
N TYR A 133 -2.26 7.82 0.75
CA TYR A 133 -3.57 7.24 1.04
C TYR A 133 -3.86 7.37 2.53
N LEU A 134 -4.98 7.99 2.86
CA LEU A 134 -5.30 8.37 4.22
C LEU A 134 -6.72 7.91 4.55
N TYR A 135 -6.98 7.75 5.84
CA TYR A 135 -8.32 7.47 6.33
C TYR A 135 -8.54 8.33 7.57
N ARG A 136 -9.81 8.59 7.86
CA ARG A 136 -10.17 9.39 9.03
C ARG A 136 -10.22 8.52 10.28
N LEU A 137 -9.46 8.92 11.29
CA LEU A 137 -9.31 8.19 12.53
C LEU A 137 -10.13 8.77 13.67
N PHE A 138 -10.41 10.08 13.65
CA PHE A 138 -11.13 10.76 14.72
C PHE A 138 -12.39 11.40 14.15
N ARG A 139 -13.51 11.19 14.82
CA ARG A 139 -14.76 11.83 14.45
C ARG A 139 -15.72 11.70 15.63
N LYS A 140 -16.47 12.77 15.88
CA LYS A 140 -17.36 12.82 17.04
C LYS A 140 -18.67 12.09 16.81
N SER A 141 -18.96 11.67 15.58
CA SER A 141 -20.22 11.01 15.25
C SER A 141 -19.99 10.22 13.96
N ASN A 142 -20.90 9.30 13.68
CA ASN A 142 -20.75 8.44 12.53
C ASN A 142 -21.36 9.07 11.28
N LEU A 143 -20.83 8.68 10.13
CA LEU A 143 -21.34 9.18 8.87
C LEU A 143 -22.71 8.59 8.57
N LYS A 144 -23.57 9.43 7.98
CA LYS A 144 -24.77 8.94 7.36
C LYS A 144 -24.40 8.23 6.06
N PRO A 145 -25.26 7.36 5.56
CA PRO A 145 -24.92 6.62 4.34
C PRO A 145 -24.62 7.58 3.18
N PHE A 146 -23.54 7.27 2.47
CA PHE A 146 -23.12 8.03 1.30
C PHE A 146 -22.77 9.47 1.64
N GLU A 147 -22.35 9.71 2.88
CA GLU A 147 -21.78 10.98 3.30
C GLU A 147 -20.27 10.97 3.08
N ARG A 148 -19.73 12.13 2.71
CA ARG A 148 -18.30 12.31 2.52
C ARG A 148 -17.84 13.47 3.38
N ASP A 149 -16.82 13.22 4.21
CA ASP A 149 -16.30 14.21 5.15
C ASP A 149 -14.85 14.43 4.77
N ILE A 150 -14.54 15.64 4.28
CA ILE A 150 -13.19 15.99 3.82
C ILE A 150 -12.53 17.01 4.73
N SER A 151 -13.13 17.31 5.87
CA SER A 151 -12.52 18.21 6.85
C SER A 151 -11.14 17.73 7.28
N THR A 152 -10.19 18.67 7.34
CA THR A 152 -8.91 18.45 8.00
C THR A 152 -8.73 19.34 9.24
N GLU A 153 -9.84 19.78 9.82
CA GLU A 153 -9.79 20.54 11.05
C GLU A 153 -9.21 19.68 12.19
N ILE A 154 -8.32 20.29 12.97
CA ILE A 154 -7.76 19.63 14.14
C ILE A 154 -8.89 19.17 15.03
N TYR A 155 -8.75 17.96 15.56
CA TYR A 155 -9.81 17.32 16.32
C TYR A 155 -9.68 17.70 17.79
N GLN A 156 -10.74 18.27 18.34
CA GLN A 156 -10.75 18.75 19.71
C GLN A 156 -11.25 17.62 20.61
N ALA A 157 -10.32 17.00 21.34
CA ALA A 157 -10.61 15.87 22.22
C ALA A 157 -10.74 16.28 23.68
N GLY A 158 -10.74 17.58 23.95
CA GLY A 158 -11.09 18.08 25.26
C GLY A 158 -11.88 19.37 25.20
N SER A 159 -12.01 20.04 26.35
CA SER A 159 -12.81 21.26 26.42
C SER A 159 -12.09 22.44 25.78
N THR A 160 -10.77 22.44 25.81
CA THR A 160 -10.00 23.58 25.31
C THR A 160 -9.96 23.56 23.79
N PRO A 161 -10.31 24.65 23.12
CA PRO A 161 -10.23 24.69 21.66
C PRO A 161 -8.79 24.63 21.17
N CYS A 162 -8.65 24.22 19.92
CA CYS A 162 -7.34 23.88 19.36
C CYS A 162 -6.70 25.02 18.59
N ASN A 163 -7.49 25.93 18.04
CA ASN A 163 -6.98 27.09 17.29
C ASN A 163 -5.99 26.67 16.20
N GLY A 164 -6.30 25.58 15.51
CA GLY A 164 -5.47 25.15 14.40
C GLY A 164 -4.11 24.61 14.77
N VAL A 165 -3.86 24.39 16.06
CA VAL A 165 -2.59 23.90 16.56
C VAL A 165 -2.76 22.49 17.09
N LYS A 166 -1.93 21.57 16.60
CA LYS A 166 -1.86 20.23 17.19
C LYS A 166 -1.22 20.30 18.58
N GLY A 167 -1.50 19.29 19.39
CA GLY A 167 -1.10 19.36 20.78
C GLY A 167 -1.88 18.33 21.57
N PHE A 168 -1.77 18.44 22.90
CA PHE A 168 -2.55 17.54 23.74
C PHE A 168 -4.03 17.82 23.54
N ASN A 169 -4.81 16.75 23.35
CA ASN A 169 -6.25 16.84 23.13
C ASN A 169 -6.57 17.58 21.82
N CYS A 170 -5.58 17.65 20.92
CA CYS A 170 -5.69 18.39 19.66
C CYS A 170 -4.96 17.60 18.57
N TYR A 171 -5.71 16.82 17.80
CA TYR A 171 -5.12 15.78 16.96
C TYR A 171 -5.53 15.96 15.50
N PHE A 172 -4.56 15.77 14.61
CA PHE A 172 -4.88 15.73 13.20
C PHE A 172 -5.80 14.54 12.97
N PRO A 173 -6.92 14.72 12.26
CA PRO A 173 -7.99 13.71 12.30
C PRO A 173 -7.78 12.56 11.33
N LEU A 174 -6.91 12.73 10.35
CA LEU A 174 -6.63 11.73 9.35
C LEU A 174 -5.37 10.96 9.70
N GLN A 175 -5.32 9.73 9.23
CA GLN A 175 -4.20 8.84 9.45
C GLN A 175 -3.78 8.25 8.12
N SER A 176 -2.47 8.21 7.88
CA SER A 176 -1.91 7.64 6.67
C SER A 176 -1.75 6.14 6.79
N TYR A 177 -2.05 5.42 5.70
CA TYR A 177 -1.88 3.97 5.72
C TYR A 177 -0.43 3.56 5.63
N GLY A 178 0.42 4.37 5.00
CA GLY A 178 1.82 4.03 4.82
C GLY A 178 2.05 2.73 4.09
N PHE A 179 1.28 2.45 3.04
CA PHE A 179 1.35 1.15 2.38
C PHE A 179 2.77 0.83 1.93
N GLN A 180 3.26 -0.35 2.34
CA GLN A 180 4.55 -0.90 1.96
C GLN A 180 4.37 -2.27 1.34
N PRO A 181 5.12 -2.58 0.29
CA PRO A 181 4.90 -3.84 -0.43
C PRO A 181 5.16 -5.09 0.39
N THR A 182 5.90 -4.97 1.50
CA THR A 182 6.26 -6.08 2.35
C THR A 182 5.26 -6.33 3.48
N TYR A 183 4.28 -5.45 3.66
CA TYR A 183 3.23 -5.68 4.64
C TYR A 183 2.49 -6.98 4.31
N GLY A 184 1.83 -7.53 5.32
CA GLY A 184 0.95 -8.65 5.08
C GLY A 184 -0.31 -8.25 4.33
N VAL A 185 -0.96 -9.28 3.76
CA VAL A 185 -2.10 -9.09 2.86
C VAL A 185 -3.17 -8.20 3.47
N GLY A 186 -3.49 -8.42 4.74
CA GLY A 186 -4.55 -7.61 5.32
C GLY A 186 -4.16 -6.17 5.57
N TYR A 187 -2.87 -5.84 5.44
CA TYR A 187 -2.38 -4.49 5.64
C TYR A 187 -1.97 -3.83 4.33
N GLN A 188 -2.19 -4.55 3.14
CA GLN A 188 -1.92 -4.11 1.78
C GLN A 188 -3.11 -3.33 1.23
N PRO A 189 -2.85 -2.44 0.29
CA PRO A 189 -3.93 -1.64 -0.30
C PRO A 189 -4.82 -2.50 -1.17
N TYR A 190 -6.12 -2.25 -1.05
CA TYR A 190 -7.12 -2.83 -1.93
C TYR A 190 -7.94 -1.71 -2.54
N ARG A 191 -8.03 -1.71 -3.87
CA ARG A 191 -8.94 -0.81 -4.56
C ARG A 191 -10.36 -1.37 -4.51
N VAL A 192 -11.33 -0.49 -4.21
CA VAL A 192 -12.73 -0.85 -4.05
C VAL A 192 -13.56 0.01 -5.00
N VAL A 193 -14.53 -0.63 -5.65
CA VAL A 193 -15.56 0.08 -6.41
C VAL A 193 -16.92 -0.40 -5.89
N VAL A 194 -17.75 0.55 -5.47
CA VAL A 194 -19.10 0.27 -5.01
C VAL A 194 -20.04 0.69 -6.14
N LEU A 195 -20.89 -0.24 -6.60
CA LEU A 195 -21.90 0.07 -7.61
C LEU A 195 -23.26 0.11 -6.92
N SER A 196 -23.90 1.27 -6.96
CA SER A 196 -25.23 1.48 -6.40
C SER A 196 -26.22 1.50 -7.56
N PHE A 197 -27.11 0.50 -7.58
CA PHE A 197 -28.15 0.41 -8.59
C PHE A 197 -29.42 1.01 -7.99
N GLU A 198 -29.98 1.99 -8.68
CA GLU A 198 -31.21 2.64 -8.23
C GLU A 198 -32.30 2.33 -9.24
N LEU A 199 -33.34 1.64 -8.79
CA LEU A 199 -34.50 1.31 -9.60
C LEU A 199 -35.67 2.13 -9.04
N LEU A 200 -35.80 3.37 -9.51
CA LEU A 200 -36.82 4.30 -9.04
C LEU A 200 -38.01 4.31 -10.02
N HIS A 201 -38.82 5.38 -9.97
CA HIS A 201 -39.95 5.57 -10.87
C HIS A 201 -39.56 6.20 -12.20
N ALA A 202 -38.35 6.74 -12.31
CA ALA A 202 -37.87 7.27 -13.58
C ALA A 202 -37.74 6.13 -14.60
N PRO A 203 -37.63 6.46 -15.88
CA PRO A 203 -37.45 5.42 -16.90
C PRO A 203 -36.14 4.67 -16.74
N ALA A 204 -36.10 3.49 -17.35
CA ALA A 204 -34.95 2.61 -17.31
C ALA A 204 -33.90 3.09 -18.31
N THR A 205 -32.75 3.55 -17.81
CA THR A 205 -31.69 4.09 -18.65
C THR A 205 -30.45 3.20 -18.69
N VAL A 206 -29.91 2.84 -17.53
CA VAL A 206 -28.72 1.99 -17.46
C VAL A 206 -29.17 0.52 -17.52
N CYS A 207 -28.90 -0.13 -18.66
CA CYS A 207 -29.33 -1.49 -18.91
C CYS A 207 -28.11 -2.37 -19.22
N GLY A 208 -28.37 -3.67 -19.29
CA GLY A 208 -27.34 -4.64 -19.63
C GLY A 208 -27.64 -5.32 -20.96
N LYS A 209 -26.59 -5.77 -21.62
CA LYS A 209 -26.68 -6.45 -22.91
C LYS A 209 -25.60 -7.52 -22.97
N LYS A 210 -25.54 -8.24 -24.09
CA LYS A 210 -24.60 -9.35 -24.25
C LYS A 210 -23.29 -8.88 -24.86
N GLU B 1 -4.29 18.37 35.32
CA GLU B 1 -4.00 16.96 35.53
C GLU B 1 -5.12 16.08 34.95
N VAL B 2 -4.76 15.04 34.21
CA VAL B 2 -5.74 14.08 33.71
C VAL B 2 -5.96 13.00 34.76
N GLN B 3 -7.24 12.71 35.03
CA GLN B 3 -7.64 11.75 36.06
C GLN B 3 -8.79 10.89 35.57
N LEU B 4 -8.76 9.63 35.97
CA LEU B 4 -9.85 8.68 35.77
C LEU B 4 -10.14 8.09 37.14
N LEU B 5 -11.31 8.42 37.68
CA LEU B 5 -11.68 7.97 39.01
C LEU B 5 -12.90 7.05 38.87
N GLU B 6 -12.73 5.80 39.28
CA GLU B 6 -13.76 4.79 39.13
C GLU B 6 -14.51 4.54 40.44
N SER B 7 -15.75 4.08 40.28
CA SER B 7 -16.63 3.75 41.39
C SER B 7 -17.68 2.76 40.90
N GLY B 8 -18.44 2.20 41.86
CA GLY B 8 -19.55 1.32 41.57
C GLY B 8 -19.31 -0.14 41.90
N GLY B 9 -18.05 -0.54 42.02
CA GLY B 9 -17.77 -1.93 42.29
C GLY B 9 -18.23 -2.35 43.68
N GLY B 10 -18.73 -3.57 43.76
CA GLY B 10 -19.01 -4.16 45.04
C GLY B 10 -19.35 -5.61 44.87
N LEU B 11 -20.01 -6.15 45.90
CA LEU B 11 -20.43 -7.54 45.92
C LEU B 11 -21.86 -7.61 45.43
N ILE B 12 -22.10 -8.50 44.48
CA ILE B 12 -23.42 -8.64 43.91
C ILE B 12 -23.71 -10.13 43.77
N GLN B 13 -24.98 -10.50 43.95
CA GLN B 13 -25.37 -11.88 43.86
C GLN B 13 -25.30 -12.35 42.40
N PRO B 14 -25.04 -13.63 42.17
CA PRO B 14 -24.89 -14.09 40.79
C PRO B 14 -26.21 -13.96 40.05
N GLY B 15 -26.13 -13.45 38.82
CA GLY B 15 -27.30 -13.15 38.07
C GLY B 15 -27.74 -11.72 38.19
N GLY B 16 -27.18 -10.99 39.16
CA GLY B 16 -27.57 -9.62 39.42
C GLY B 16 -26.81 -8.62 38.57
N SER B 17 -27.08 -7.35 38.81
CA SER B 17 -26.55 -6.28 37.98
C SER B 17 -25.74 -5.29 38.81
N LEU B 18 -24.83 -4.61 38.11
CA LEU B 18 -23.92 -3.67 38.71
C LEU B 18 -23.57 -2.65 37.62
N ARG B 19 -23.51 -1.37 37.99
CA ARG B 19 -23.02 -0.33 37.08
C ARG B 19 -21.75 0.31 37.63
N LEU B 20 -20.68 0.27 36.83
CA LEU B 20 -19.41 0.94 37.08
C LEU B 20 -19.38 2.32 36.43
N SER B 21 -18.73 3.26 37.09
CA SER B 21 -18.60 4.64 36.63
C SER B 21 -17.12 4.98 36.51
N CYS B 22 -16.80 5.83 35.55
CA CYS B 22 -15.42 6.32 35.40
C CYS B 22 -15.51 7.82 35.13
N ALA B 23 -15.32 8.61 36.18
CA ALA B 23 -15.39 10.06 36.12
C ALA B 23 -14.06 10.64 35.69
N ALA B 24 -14.04 11.32 34.56
CA ALA B 24 -12.81 11.76 33.91
C ALA B 24 -12.62 13.27 34.06
N SER B 25 -11.36 13.67 34.27
CA SER B 25 -10.94 15.06 34.17
C SER B 25 -9.81 15.16 33.15
N GLY B 26 -9.76 16.29 32.43
CA GLY B 26 -8.65 16.59 31.57
C GLY B 26 -8.86 16.27 30.11
N PHE B 27 -9.95 15.59 29.79
CA PHE B 27 -10.34 15.34 28.41
C PHE B 27 -11.83 15.04 28.39
N THR B 28 -12.37 15.04 27.16
CA THR B 28 -13.80 14.90 26.92
C THR B 28 -14.10 13.45 26.55
N VAL B 29 -14.73 12.73 27.48
CA VAL B 29 -15.02 11.30 27.31
C VAL B 29 -15.82 11.05 26.03
N SER B 30 -16.80 11.90 25.75
CA SER B 30 -17.67 11.60 24.60
C SER B 30 -16.96 11.79 23.27
N SER B 31 -15.75 12.36 23.27
CA SER B 31 -15.00 12.64 22.05
C SER B 31 -13.85 11.67 21.81
N ASN B 32 -13.66 10.68 22.70
CA ASN B 32 -12.45 9.90 22.74
C ASN B 32 -12.75 8.39 22.75
N TYR B 33 -11.76 7.61 22.29
CA TYR B 33 -11.82 6.15 22.39
C TYR B 33 -11.54 5.73 23.83
N MET B 34 -12.40 4.91 24.40
CA MET B 34 -12.28 4.57 25.81
C MET B 34 -12.62 3.10 26.02
N SER B 35 -12.01 2.49 27.03
CA SER B 35 -12.19 1.05 27.17
C SER B 35 -12.25 0.64 28.62
N TRP B 36 -12.72 -0.59 28.83
CA TRP B 36 -12.68 -1.26 30.12
C TRP B 36 -11.87 -2.54 29.97
N VAL B 37 -11.00 -2.77 30.95
CA VAL B 37 -10.14 -3.94 31.03
C VAL B 37 -10.26 -4.48 32.44
N ARG B 38 -10.22 -5.82 32.60
CA ARG B 38 -10.38 -6.40 33.92
C ARG B 38 -9.21 -7.31 34.23
N GLN B 39 -9.00 -7.51 35.54
CA GLN B 39 -7.89 -8.33 36.02
C GLN B 39 -8.38 -9.10 37.25
N ALA B 40 -8.56 -10.40 37.10
CA ALA B 40 -8.89 -11.20 38.26
C ALA B 40 -7.70 -11.24 39.21
N PRO B 41 -7.93 -11.34 40.52
CA PRO B 41 -6.82 -11.22 41.46
C PRO B 41 -5.82 -12.36 41.27
N GLY B 42 -4.55 -11.99 41.14
CA GLY B 42 -3.49 -12.95 40.88
C GLY B 42 -3.32 -13.35 39.44
N LYS B 43 -4.05 -12.72 38.51
CA LYS B 43 -4.10 -13.13 37.12
C LYS B 43 -3.76 -11.97 36.19
N GLY B 44 -3.96 -12.18 34.90
CA GLY B 44 -3.51 -11.26 33.88
C GLY B 44 -4.61 -10.30 33.47
N LEU B 45 -4.39 -9.64 32.35
CA LEU B 45 -5.30 -8.62 31.90
C LEU B 45 -6.21 -9.18 30.81
N GLU B 46 -7.48 -8.81 30.86
CA GLU B 46 -8.47 -9.24 29.87
C GLU B 46 -9.28 -8.02 29.43
N TRP B 47 -9.24 -7.72 28.13
CA TRP B 47 -10.05 -6.65 27.59
C TRP B 47 -11.54 -7.01 27.67
N VAL B 48 -12.37 -6.01 27.96
CA VAL B 48 -13.80 -6.18 28.16
C VAL B 48 -14.61 -5.49 27.05
N SER B 49 -14.32 -4.21 26.78
CA SER B 49 -15.22 -3.41 25.94
C SER B 49 -14.52 -2.12 25.53
N VAL B 50 -14.90 -1.60 24.37
CA VAL B 50 -14.38 -0.33 23.87
C VAL B 50 -15.54 0.45 23.30
N ILE B 51 -15.48 1.77 23.45
CA ILE B 51 -16.39 2.69 22.77
C ILE B 51 -15.54 3.65 21.95
N TYR B 52 -15.90 3.81 20.69
CA TYR B 52 -15.12 4.65 19.80
C TYR B 52 -15.48 6.12 19.99
N SER B 53 -14.64 7.00 19.44
CA SER B 53 -14.88 8.44 19.56
C SER B 53 -16.30 8.80 19.15
N GLY B 54 -16.85 8.10 18.14
CA GLY B 54 -18.17 8.39 17.58
C GLY B 54 -19.31 7.52 18.09
N GLY B 55 -19.04 6.58 18.99
CA GLY B 55 -20.10 5.86 19.68
C GLY B 55 -20.17 4.36 19.39
N SER B 56 -19.54 3.87 18.32
CA SER B 56 -19.63 2.43 18.07
C SER B 56 -19.03 1.68 19.26
N THR B 57 -19.65 0.55 19.62
CA THR B 57 -19.22 -0.24 20.77
C THR B 57 -18.86 -1.66 20.36
N TYR B 58 -17.84 -2.22 21.01
CA TYR B 58 -17.46 -3.62 20.81
C TYR B 58 -17.21 -4.28 22.17
N TYR B 59 -17.35 -5.61 22.21
CA TYR B 59 -17.34 -6.35 23.47
C TYR B 59 -16.56 -7.67 23.31
N ALA B 60 -15.91 -8.07 24.39
CA ALA B 60 -15.34 -9.40 24.48
C ALA B 60 -16.46 -10.44 24.46
N ASP B 61 -16.21 -11.59 23.81
CA ASP B 61 -17.27 -12.59 23.67
C ASP B 61 -17.76 -13.10 25.02
N SER B 62 -16.89 -13.13 26.03
CA SER B 62 -17.30 -13.57 27.35
C SER B 62 -18.31 -12.64 28.02
N VAL B 63 -18.53 -11.44 27.49
CA VAL B 63 -19.48 -10.50 28.09
C VAL B 63 -20.49 -9.95 27.11
N LYS B 64 -20.45 -10.38 25.85
CA LYS B 64 -21.41 -9.90 24.85
C LYS B 64 -22.84 -10.23 25.27
N GLY B 65 -23.73 -9.25 25.10
CA GLY B 65 -25.12 -9.40 25.49
C GLY B 65 -25.41 -9.18 26.95
N ARG B 66 -24.40 -9.20 27.81
CA ARG B 66 -24.55 -8.93 29.23
C ARG B 66 -24.04 -7.56 29.63
N PHE B 67 -22.94 -7.10 29.03
CA PHE B 67 -22.38 -5.80 29.39
C PHE B 67 -22.72 -4.76 28.33
N THR B 68 -22.81 -3.51 28.77
CA THR B 68 -23.05 -2.37 27.89
C THR B 68 -22.13 -1.25 28.33
N ILE B 69 -21.35 -0.71 27.40
CA ILE B 69 -20.51 0.46 27.63
C ILE B 69 -21.25 1.67 27.12
N SER B 70 -21.15 2.79 27.84
CA SER B 70 -21.92 3.99 27.54
C SER B 70 -21.20 5.19 28.13
N ARG B 71 -21.69 6.40 27.83
CA ARG B 71 -21.05 7.57 28.42
C ARG B 71 -22.07 8.70 28.52
N ASP B 72 -21.78 9.63 29.41
CA ASP B 72 -22.62 10.81 29.63
C ASP B 72 -21.74 12.04 29.53
N ASN B 73 -22.03 12.92 28.59
CA ASN B 73 -21.19 14.09 28.39
C ASN B 73 -21.39 15.12 29.51
N SER B 74 -22.61 15.28 30.00
CA SER B 74 -22.84 16.30 31.02
C SER B 74 -22.08 15.99 32.30
N LYS B 75 -21.81 14.71 32.56
CA LYS B 75 -21.05 14.30 33.73
C LYS B 75 -19.63 13.86 33.37
N ASN B 76 -19.26 13.96 32.09
CA ASN B 76 -17.97 13.51 31.57
C ASN B 76 -17.58 12.17 32.19
N THR B 77 -18.47 11.20 32.06
CA THR B 77 -18.35 9.94 32.77
C THR B 77 -18.60 8.78 31.82
N LEU B 78 -17.73 7.78 31.90
CA LEU B 78 -17.88 6.51 31.19
C LEU B 78 -18.52 5.50 32.14
N TYR B 79 -19.39 4.64 31.59
CA TYR B 79 -20.08 3.61 32.37
C TYR B 79 -19.85 2.23 31.80
N LEU B 80 -20.06 1.22 32.65
CA LEU B 80 -20.12 -0.18 32.24
C LEU B 80 -21.28 -0.82 33.01
N GLN B 81 -22.40 -1.02 32.30
CA GLN B 81 -23.53 -1.76 32.84
C GLN B 81 -23.25 -3.24 32.72
N MET B 82 -23.31 -3.94 33.83
CA MET B 82 -22.98 -5.36 33.89
C MET B 82 -24.22 -6.08 34.38
N ASN B 83 -24.83 -6.87 33.50
CA ASN B 83 -26.01 -7.65 33.82
C ASN B 83 -25.66 -9.13 33.82
N SER B 84 -26.55 -9.92 34.41
CA SER B 84 -26.42 -11.38 34.44
C SER B 84 -25.01 -11.77 34.84
N LEU B 85 -24.58 -11.24 35.99
CA LEU B 85 -23.20 -11.36 36.40
C LEU B 85 -22.89 -12.79 36.86
N ARG B 86 -21.65 -13.19 36.62
CA ARG B 86 -21.19 -14.54 36.86
C ARG B 86 -20.03 -14.52 37.83
N ALA B 87 -19.84 -15.66 38.51
CA ALA B 87 -18.67 -15.81 39.37
C ALA B 87 -17.39 -15.39 38.66
N GLU B 88 -17.24 -15.79 37.40
CA GLU B 88 -16.00 -15.53 36.69
C GLU B 88 -15.87 -14.09 36.21
N ASP B 89 -16.85 -13.23 36.46
CA ASP B 89 -16.72 -11.80 36.24
C ASP B 89 -16.07 -11.07 37.41
N THR B 90 -15.81 -11.78 38.53
CA THR B 90 -15.09 -11.23 39.68
C THR B 90 -13.67 -10.81 39.27
N ALA B 91 -13.34 -9.55 39.53
CA ALA B 91 -12.08 -8.99 39.08
C ALA B 91 -12.06 -7.51 39.45
N VAL B 92 -10.87 -6.92 39.30
CA VAL B 92 -10.72 -5.47 39.32
C VAL B 92 -10.95 -4.95 37.90
N TYR B 93 -11.82 -3.96 37.76
CA TYR B 93 -12.18 -3.36 36.48
C TYR B 93 -11.53 -1.98 36.38
N TYR B 94 -10.74 -1.78 35.32
CA TYR B 94 -10.09 -0.52 35.01
C TYR B 94 -10.75 0.14 33.81
N CYS B 95 -10.94 1.46 33.87
CA CYS B 95 -11.22 2.22 32.67
C CYS B 95 -9.95 2.81 32.11
N ALA B 96 -9.96 3.07 30.82
CA ALA B 96 -8.80 3.66 30.22
C ALA B 96 -9.21 4.58 29.08
N ARG B 97 -8.48 5.68 28.93
CA ARG B 97 -8.46 6.41 27.68
C ARG B 97 -7.42 5.74 26.79
N ASP B 98 -7.85 5.23 25.64
CA ASP B 98 -7.01 4.32 24.90
C ASP B 98 -5.90 5.05 24.18
N HIS B 99 -4.82 4.33 23.92
CA HIS B 99 -3.80 4.87 23.05
C HIS B 99 -4.34 4.95 21.63
N VAL B 100 -4.20 6.12 20.99
CA VAL B 100 -4.57 6.31 19.60
C VAL B 100 -3.44 7.13 18.99
N ARG B 101 -3.17 8.29 19.58
CA ARG B 101 -1.96 9.03 19.31
C ARG B 101 -1.08 9.02 20.57
N PRO B 102 0.20 9.31 20.44
CA PRO B 102 1.07 9.32 21.61
C PRO B 102 0.58 10.32 22.66
N GLY B 103 0.88 10.01 23.91
CA GLY B 103 0.56 10.89 25.02
C GLY B 103 -0.85 10.83 25.53
N MET B 104 -1.66 9.88 25.07
CA MET B 104 -3.07 9.80 25.44
C MET B 104 -3.38 8.71 26.47
N ASN B 105 -2.71 7.56 26.40
CA ASN B 105 -3.12 6.44 27.23
C ASN B 105 -3.00 6.78 28.71
N ILE B 106 -4.07 6.47 29.45
CA ILE B 106 -4.08 6.55 30.91
C ILE B 106 -5.18 5.63 31.42
N TRP B 107 -4.89 4.90 32.50
CA TRP B 107 -5.87 4.03 33.14
C TRP B 107 -6.26 4.55 34.52
N GLY B 108 -7.50 4.29 34.90
CA GLY B 108 -7.89 4.50 36.28
C GLY B 108 -7.27 3.45 37.18
N GLN B 109 -7.44 3.62 38.49
CA GLN B 109 -6.80 2.70 39.42
C GLN B 109 -7.68 1.51 39.79
N GLY B 110 -8.91 1.44 39.31
CA GLY B 110 -9.61 0.17 39.41
C GLY B 110 -10.69 0.16 40.49
N THR B 111 -11.73 -0.64 40.23
CA THR B 111 -12.75 -0.93 41.23
C THR B 111 -13.00 -2.44 41.26
N MET B 112 -13.14 -2.99 42.46
CA MET B 112 -13.26 -4.42 42.65
C MET B 112 -14.72 -4.85 42.54
N VAL B 113 -14.97 -5.87 41.72
CA VAL B 113 -16.29 -6.46 41.54
C VAL B 113 -16.20 -7.90 42.00
N THR B 114 -17.10 -8.28 42.92
CA THR B 114 -17.17 -9.63 43.45
C THR B 114 -18.56 -10.18 43.17
N VAL B 115 -18.63 -11.33 42.52
CA VAL B 115 -19.90 -11.99 42.23
C VAL B 115 -19.97 -13.28 43.03
N SER B 116 -20.90 -13.32 43.99
CA SER B 116 -20.97 -14.38 44.98
C SER B 116 -22.31 -14.31 45.69
N SER B 117 -22.81 -15.47 46.11
CA SER B 117 -24.00 -15.51 46.92
C SER B 117 -23.72 -15.29 48.39
N ALA B 118 -22.44 -15.21 48.76
CA ALA B 118 -21.99 -15.06 50.14
C ALA B 118 -22.41 -13.73 50.73
N SER B 119 -22.52 -13.71 52.05
CA SER B 119 -22.90 -12.50 52.76
C SER B 119 -21.69 -11.56 52.97
N THR B 120 -21.99 -10.27 53.01
CA THR B 120 -21.00 -9.30 53.43
C THR B 120 -20.75 -9.48 54.91
N LYS B 121 -19.48 -9.51 55.31
CA LYS B 121 -19.14 -9.71 56.72
C LYS B 121 -17.95 -8.84 57.08
N GLY B 122 -18.05 -8.12 58.19
CA GLY B 122 -16.96 -7.30 58.62
C GLY B 122 -15.95 -8.05 59.45
N PRO B 123 -14.73 -7.52 59.54
CA PRO B 123 -13.64 -8.24 60.18
C PRO B 123 -13.64 -8.15 61.69
N SER B 124 -13.08 -9.19 62.28
CA SER B 124 -12.55 -9.15 63.62
C SER B 124 -11.08 -8.73 63.59
N VAL B 125 -10.72 -7.81 64.49
CA VAL B 125 -9.38 -7.26 64.53
C VAL B 125 -8.76 -7.65 65.86
N PHE B 126 -7.69 -8.44 65.80
CA PHE B 126 -7.03 -8.98 66.97
C PHE B 126 -5.59 -8.48 67.00
N PRO B 127 -5.07 -8.19 68.19
CA PRO B 127 -3.71 -7.68 68.26
C PRO B 127 -2.68 -8.79 68.16
N LEU B 128 -1.59 -8.46 67.46
CA LEU B 128 -0.37 -9.27 67.45
C LEU B 128 0.61 -8.57 68.37
N ALA B 129 0.69 -9.03 69.61
CA ALA B 129 1.34 -8.19 70.59
C ALA B 129 2.84 -8.39 70.57
N PRO B 130 3.58 -7.29 70.71
CA PRO B 130 5.03 -7.37 70.84
C PRO B 130 5.43 -7.77 72.25
N SER B 131 6.70 -8.16 72.37
CA SER B 131 7.25 -8.51 73.66
C SER B 131 8.73 -8.17 73.66
N SER B 132 9.18 -7.50 74.72
CA SER B 132 10.61 -7.30 74.90
C SER B 132 11.39 -8.61 74.97
N LYS B 133 10.70 -9.74 75.17
CA LYS B 133 11.37 -11.04 75.20
C LYS B 133 11.37 -11.73 73.83
N SER B 134 10.71 -11.15 72.82
CA SER B 134 10.65 -11.68 71.47
C SER B 134 11.38 -10.80 70.45
N THR B 135 12.27 -9.91 70.90
CA THR B 135 12.98 -9.04 69.98
C THR B 135 14.06 -9.83 69.21
N SER B 136 14.38 -9.32 68.02
CA SER B 136 15.47 -9.85 67.20
C SER B 136 16.30 -8.68 66.72
N GLY B 137 17.59 -8.68 67.05
CA GLY B 137 18.49 -7.61 66.64
C GLY B 137 17.93 -6.23 66.88
N GLY B 138 17.56 -5.95 68.14
CA GLY B 138 17.12 -4.64 68.57
C GLY B 138 15.80 -4.22 67.95
N THR B 139 15.13 -5.16 67.32
CA THR B 139 13.92 -4.93 66.55
C THR B 139 12.78 -5.76 67.14
N ALA B 140 11.64 -5.11 67.35
CA ALA B 140 10.41 -5.76 67.77
C ALA B 140 9.37 -5.66 66.67
N ALA B 141 8.46 -6.64 66.64
CA ALA B 141 7.38 -6.71 65.69
C ALA B 141 6.04 -6.68 66.41
N LEU B 142 5.09 -5.99 65.82
CA LEU B 142 3.74 -5.98 66.32
C LEU B 142 2.82 -5.87 65.12
N GLY B 143 1.53 -6.06 65.35
CA GLY B 143 0.62 -5.94 64.24
C GLY B 143 -0.82 -6.17 64.65
N CYS B 144 -1.63 -6.43 63.63
CA CYS B 144 -3.08 -6.59 63.70
C CYS B 144 -3.46 -7.75 62.81
N LEU B 145 -4.23 -8.69 63.36
CA LEU B 145 -4.80 -9.74 62.55
C LEU B 145 -6.22 -9.32 62.21
N VAL B 146 -6.50 -9.22 60.91
CA VAL B 146 -7.77 -8.75 60.38
C VAL B 146 -8.42 -9.98 59.77
N LYS B 147 -9.40 -10.52 60.47
CA LYS B 147 -9.83 -11.90 60.24
C LYS B 147 -11.32 -11.98 59.90
N ASP B 148 -11.63 -12.84 58.92
CA ASP B 148 -12.98 -13.31 58.65
C ASP B 148 -13.87 -12.19 58.09
N TYR B 149 -13.45 -11.63 56.98
CA TYR B 149 -14.24 -10.62 56.32
C TYR B 149 -14.54 -11.04 54.89
N PHE B 150 -15.62 -10.45 54.37
CA PHE B 150 -16.02 -10.60 52.99
C PHE B 150 -16.89 -9.41 52.61
N PRO B 151 -16.71 -8.83 51.42
CA PRO B 151 -15.69 -9.16 50.44
C PRO B 151 -14.41 -8.32 50.57
N GLU B 152 -13.51 -8.43 49.59
CA GLU B 152 -12.42 -7.48 49.51
C GLU B 152 -13.00 -6.11 49.17
N PRO B 153 -12.29 -5.02 49.52
CA PRO B 153 -11.04 -4.90 50.25
C PRO B 153 -11.17 -4.34 51.68
N VAL B 154 -10.09 -4.43 52.42
CA VAL B 154 -9.90 -3.71 53.67
C VAL B 154 -8.69 -2.81 53.50
N THR B 155 -8.67 -1.72 54.26
CA THR B 155 -7.48 -0.89 54.37
C THR B 155 -7.03 -0.87 55.82
N VAL B 156 -5.72 -0.86 56.00
CA VAL B 156 -5.07 -0.83 57.29
C VAL B 156 -4.03 0.28 57.28
N SER B 157 -4.10 1.17 58.27
CA SER B 157 -3.06 2.15 58.49
C SER B 157 -2.66 2.08 59.95
N TRP B 158 -1.47 2.61 60.24
CA TRP B 158 -0.94 2.62 61.60
C TRP B 158 -0.80 4.05 62.12
N ASN B 159 -1.30 4.29 63.33
CA ASN B 159 -1.22 5.59 63.98
C ASN B 159 -1.74 6.68 63.03
N SER B 160 -2.82 6.37 62.33
CA SER B 160 -3.55 7.32 61.49
C SER B 160 -2.69 7.84 60.32
N GLY B 161 -1.82 6.99 59.80
CA GLY B 161 -0.99 7.37 58.68
C GLY B 161 0.37 7.93 59.06
N ALA B 162 0.63 8.11 60.35
CA ALA B 162 1.90 8.64 60.80
C ALA B 162 2.99 7.56 60.87
N LEU B 163 2.61 6.29 60.99
CA LEU B 163 3.56 5.19 61.02
C LEU B 163 3.47 4.47 59.68
N THR B 164 4.49 4.65 58.84
CA THR B 164 4.53 4.01 57.54
C THR B 164 5.80 3.19 57.34
N SER B 165 6.93 3.70 57.79
CA SER B 165 8.21 2.99 57.73
C SER B 165 8.14 1.69 58.52
N GLY B 166 8.39 0.57 57.85
CA GLY B 166 8.40 -0.73 58.50
C GLY B 166 7.09 -1.49 58.46
N VAL B 167 6.04 -0.95 57.82
CA VAL B 167 4.74 -1.60 57.77
C VAL B 167 4.68 -2.58 56.61
N HIS B 168 4.09 -3.74 56.86
CA HIS B 168 3.84 -4.76 55.84
C HIS B 168 2.41 -5.22 56.02
N THR B 169 1.52 -4.74 55.18
CA THR B 169 0.15 -5.25 55.15
C THR B 169 0.09 -6.36 54.11
N PHE B 170 -0.12 -7.59 54.58
CA PHE B 170 0.01 -8.73 53.69
C PHE B 170 -1.21 -8.89 52.80
N PRO B 171 -1.02 -9.42 51.58
CA PRO B 171 -2.16 -9.73 50.75
C PRO B 171 -3.10 -10.68 51.47
N ALA B 172 -4.40 -10.49 51.26
CA ALA B 172 -5.38 -11.36 51.89
C ALA B 172 -5.34 -12.75 51.30
N VAL B 173 -5.63 -13.74 52.13
CA VAL B 173 -5.83 -15.10 51.65
C VAL B 173 -7.26 -15.49 51.97
N LEU B 174 -7.88 -16.20 51.03
CA LEU B 174 -9.20 -16.76 51.24
C LEU B 174 -9.07 -18.03 52.07
N GLN B 175 -9.72 -18.02 53.23
CA GLN B 175 -9.71 -19.15 54.15
C GLN B 175 -10.64 -20.24 53.62
N SER B 176 -10.63 -21.38 54.31
CA SER B 176 -11.51 -22.47 53.91
C SER B 176 -12.98 -22.13 54.15
N SER B 177 -13.26 -21.14 55.00
CA SER B 177 -14.61 -20.67 55.28
C SER B 177 -15.23 -19.85 54.16
N GLY B 178 -14.45 -19.44 53.16
CA GLY B 178 -14.93 -18.47 52.20
C GLY B 178 -14.68 -17.03 52.61
N LEU B 179 -14.07 -16.81 53.77
CA LEU B 179 -13.78 -15.48 54.27
C LEU B 179 -12.31 -15.14 54.07
N TYR B 180 -12.03 -13.85 53.99
CA TYR B 180 -10.67 -13.39 53.82
C TYR B 180 -10.03 -13.10 55.18
N SER B 181 -8.71 -13.10 55.19
CA SER B 181 -8.00 -12.79 56.41
C SER B 181 -6.62 -12.28 56.03
N LEU B 182 -6.12 -11.32 56.79
CA LEU B 182 -4.76 -10.86 56.55
C LEU B 182 -4.20 -10.35 57.86
N SER B 183 -2.88 -10.16 57.89
CA SER B 183 -2.20 -9.48 58.98
C SER B 183 -1.55 -8.22 58.43
N SER B 184 -1.52 -7.17 59.25
CA SER B 184 -0.69 -6.00 59.01
C SER B 184 0.28 -5.93 60.18
N VAL B 185 1.58 -5.94 59.88
CA VAL B 185 2.60 -5.92 60.91
C VAL B 185 3.52 -4.73 60.68
N VAL B 186 4.27 -4.41 61.74
CA VAL B 186 5.29 -3.39 61.65
C VAL B 186 6.42 -3.79 62.58
N THR B 187 7.66 -3.58 62.12
CA THR B 187 8.84 -3.73 62.95
C THR B 187 9.24 -2.36 63.46
N VAL B 188 9.68 -2.32 64.71
CA VAL B 188 10.00 -1.08 65.41
C VAL B 188 11.18 -1.34 66.33
N PRO B 189 11.87 -0.28 66.72
CA PRO B 189 12.97 -0.47 67.66
C PRO B 189 12.45 -0.95 68.99
N SER B 190 13.19 -1.88 69.61
CA SER B 190 12.69 -2.49 70.83
C SER B 190 12.61 -1.48 71.96
N SER B 191 13.45 -0.43 71.91
CA SER B 191 13.45 0.63 72.91
C SER B 191 12.20 1.49 72.87
N SER B 192 11.37 1.34 71.83
CA SER B 192 10.18 2.15 71.69
C SER B 192 8.93 1.47 72.25
N LEU B 193 9.06 0.26 72.80
CA LEU B 193 7.90 -0.50 73.23
C LEU B 193 7.24 0.11 74.47
N GLY B 194 8.02 0.51 75.46
CA GLY B 194 7.41 1.11 76.63
C GLY B 194 6.81 2.49 76.40
N THR B 195 7.29 3.23 75.39
CA THR B 195 7.03 4.66 75.29
C THR B 195 6.15 5.06 74.12
N GLN B 196 6.09 4.26 73.08
CA GLN B 196 5.37 4.60 71.86
C GLN B 196 4.08 3.78 71.79
N THR B 197 2.96 4.47 71.58
CA THR B 197 1.69 3.79 71.38
C THR B 197 1.52 3.43 69.91
N TYR B 198 0.95 2.25 69.67
CA TYR B 198 0.76 1.74 68.33
C TYR B 198 -0.70 1.36 68.16
N ILE B 199 -1.36 1.98 67.18
CA ILE B 199 -2.78 1.78 66.92
C ILE B 199 -2.95 1.46 65.45
N CYS B 200 -3.67 0.39 65.15
CA CYS B 200 -3.94 0.06 63.77
C CYS B 200 -5.36 0.48 63.44
N ASN B 201 -5.51 1.15 62.31
CA ASN B 201 -6.81 1.64 61.85
C ASN B 201 -7.25 0.76 60.70
N VAL B 202 -8.31 -0.02 60.92
CA VAL B 202 -8.83 -0.95 59.93
C VAL B 202 -10.17 -0.42 59.42
N ASN B 203 -10.33 -0.42 58.11
CA ASN B 203 -11.58 0.04 57.50
C ASN B 203 -12.02 -1.00 56.48
N HIS B 204 -13.27 -1.44 56.57
CA HIS B 204 -13.86 -2.39 55.63
C HIS B 204 -15.17 -1.79 55.16
N LYS B 205 -15.10 -1.02 54.07
CA LYS B 205 -16.26 -0.24 53.66
C LYS B 205 -17.50 -1.05 53.33
N PRO B 206 -17.43 -2.27 52.78
CA PRO B 206 -18.66 -3.00 52.47
C PRO B 206 -19.54 -3.26 53.67
N SER B 207 -18.98 -3.27 54.88
CA SER B 207 -19.73 -3.52 56.10
C SER B 207 -19.75 -2.32 57.04
N ASN B 208 -19.23 -1.16 56.61
CA ASN B 208 -19.11 0.03 57.45
C ASN B 208 -18.45 -0.31 58.78
N THR B 209 -17.44 -1.18 58.71
CA THR B 209 -16.66 -1.57 59.87
C THR B 209 -15.42 -0.70 59.93
N LYS B 210 -15.31 0.11 60.98
CA LYS B 210 -14.16 0.97 61.22
C LYS B 210 -13.67 0.69 62.63
N VAL B 211 -12.47 0.14 62.75
CA VAL B 211 -11.91 -0.31 64.01
C VAL B 211 -10.54 0.33 64.18
N ASP B 212 -10.30 0.94 65.35
CA ASP B 212 -8.97 1.39 65.76
C ASP B 212 -8.58 0.51 66.93
N LYS B 213 -7.54 -0.32 66.74
CA LYS B 213 -7.13 -1.30 67.72
C LYS B 213 -5.78 -0.93 68.31
N LYS B 214 -5.75 -0.67 69.62
CA LYS B 214 -4.51 -0.36 70.31
C LYS B 214 -3.73 -1.65 70.58
N VAL B 215 -2.47 -1.67 70.16
CA VAL B 215 -1.63 -2.86 70.27
C VAL B 215 -0.53 -2.58 71.27
N GLU B 216 -0.64 -3.18 72.44
CA GLU B 216 0.34 -2.96 73.49
C GLU B 216 1.04 -4.26 73.88
N PRO B 217 2.20 -4.16 74.53
CA PRO B 217 3.00 -5.37 74.81
C PRO B 217 2.26 -6.34 75.71
N LYS B 218 2.41 -7.64 75.39
CA LYS B 218 1.86 -8.78 76.13
C LYS B 218 0.49 -8.55 76.75
N ALA C 1 -9.58 -14.95 18.07
CA ALA C 1 -8.80 -13.91 18.73
C ALA C 1 -7.31 -14.16 18.53
N ILE C 2 -6.50 -13.11 18.57
CA ILE C 2 -5.07 -13.26 18.40
C ILE C 2 -4.44 -13.63 19.74
N ARG C 3 -3.72 -14.76 19.76
CA ARG C 3 -3.03 -15.21 20.96
C ARG C 3 -1.65 -14.56 21.02
N MET C 4 -1.34 -13.93 22.16
CA MET C 4 -0.02 -13.36 22.39
C MET C 4 0.74 -14.28 23.36
N THR C 5 1.87 -14.81 22.92
CA THR C 5 2.67 -15.74 23.70
C THR C 5 3.90 -15.00 24.20
N GLN C 6 3.91 -14.69 25.50
CA GLN C 6 4.95 -13.88 26.12
C GLN C 6 5.85 -14.76 26.96
N SER C 7 7.16 -14.51 26.87
CA SER C 7 8.15 -15.30 27.58
C SER C 7 9.34 -14.40 27.90
N PRO C 8 10.00 -14.61 29.05
CA PRO C 8 9.60 -15.62 30.02
C PRO C 8 8.42 -15.14 30.86
N SER C 9 7.85 -16.06 31.66
CA SER C 9 6.79 -15.68 32.59
C SER C 9 7.36 -15.01 33.83
N SER C 10 8.61 -15.31 34.19
CA SER C 10 9.27 -14.59 35.26
C SER C 10 10.77 -14.56 35.00
N LEU C 11 11.42 -13.57 35.61
CA LEU C 11 12.86 -13.47 35.49
C LEU C 11 13.41 -12.78 36.72
N SER C 12 14.70 -13.00 36.97
CA SER C 12 15.43 -12.40 38.07
C SER C 12 16.75 -11.91 37.51
N ALA C 13 17.10 -10.66 37.83
CA ALA C 13 18.23 -9.99 37.21
C ALA C 13 18.80 -8.99 38.19
N SER C 14 20.11 -8.74 38.06
CA SER C 14 20.80 -7.78 38.90
C SER C 14 20.60 -6.36 38.38
N VAL C 15 20.69 -5.39 39.29
CA VAL C 15 20.72 -3.98 38.93
C VAL C 15 21.78 -3.75 37.86
N GLY C 16 21.41 -3.07 36.77
CA GLY C 16 22.34 -2.82 35.69
C GLY C 16 22.33 -3.84 34.59
N ASP C 17 21.61 -4.94 34.77
CA ASP C 17 21.49 -5.98 33.75
C ASP C 17 20.60 -5.56 32.60
N ARG C 18 20.87 -6.13 31.42
CA ARG C 18 20.02 -6.03 30.25
C ARG C 18 18.99 -7.15 30.32
N VAL C 19 17.72 -6.79 30.24
CA VAL C 19 16.61 -7.72 30.37
C VAL C 19 15.79 -7.65 29.10
N THR C 20 15.57 -8.79 28.46
CA THR C 20 14.84 -8.88 27.21
C THR C 20 13.65 -9.81 27.38
N ILE C 21 12.47 -9.32 26.99
CA ILE C 21 11.22 -10.05 27.01
C ILE C 21 10.76 -10.21 25.57
N THR C 22 10.19 -11.38 25.25
CA THR C 22 9.70 -11.65 23.91
C THR C 22 8.18 -11.83 23.93
N CYS C 23 7.58 -11.53 22.78
CA CYS C 23 6.15 -11.69 22.56
C CYS C 23 6.00 -12.17 21.13
N GLN C 24 5.14 -13.18 20.94
CA GLN C 24 4.89 -13.72 19.61
C GLN C 24 3.40 -13.77 19.37
N ALA C 25 2.97 -13.27 18.23
CA ALA C 25 1.55 -13.18 17.93
C ALA C 25 1.15 -14.36 17.05
N SER C 26 -0.11 -14.77 17.18
CA SER C 26 -0.59 -15.90 16.40
C SER C 26 -0.74 -15.55 14.93
N GLN C 27 -0.81 -14.27 14.60
CA GLN C 27 -0.90 -13.85 13.22
C GLN C 27 -0.29 -12.46 13.09
N ASP C 28 -0.20 -12.00 11.84
CA ASP C 28 0.46 -10.74 11.55
C ASP C 28 -0.32 -9.57 12.15
N ILE C 29 0.33 -8.81 13.03
CA ILE C 29 -0.28 -7.63 13.63
C ILE C 29 0.47 -6.36 13.27
N SER C 30 1.22 -6.41 12.17
CA SER C 30 2.10 -5.33 11.75
C SER C 30 2.97 -4.92 12.93
N ASN C 31 2.89 -3.65 13.31
CA ASN C 31 3.55 -3.19 14.53
C ASN C 31 2.55 -2.69 15.57
N TYR C 32 1.32 -3.16 15.56
CA TYR C 32 0.31 -2.68 16.50
C TYR C 32 0.38 -3.51 17.79
N LEU C 33 1.51 -3.33 18.46
CA LEU C 33 1.86 -3.97 19.71
C LEU C 33 2.37 -2.94 20.70
N ASN C 34 1.74 -2.88 21.88
CA ASN C 34 2.14 -1.98 22.96
C ASN C 34 2.63 -2.78 24.16
N TRP C 35 3.53 -2.18 24.94
CA TRP C 35 4.07 -2.78 26.15
C TRP C 35 3.65 -1.98 27.38
N TYR C 36 3.06 -2.69 28.36
CA TYR C 36 2.59 -2.10 29.60
C TYR C 36 3.47 -2.54 30.77
N GLN C 37 3.59 -1.65 31.74
CA GLN C 37 4.25 -1.94 33.01
C GLN C 37 3.21 -1.83 34.11
N GLN C 38 3.11 -2.86 34.96
CA GLN C 38 2.17 -2.86 36.08
C GLN C 38 2.95 -3.07 37.37
N LYS C 39 3.09 -2.02 38.18
CA LYS C 39 3.80 -2.18 39.44
C LYS C 39 2.82 -2.63 40.53
N PRO C 40 3.32 -3.23 41.60
CA PRO C 40 2.42 -3.83 42.60
C PRO C 40 1.47 -2.79 43.21
N GLY C 41 0.18 -3.06 43.09
CA GLY C 41 -0.82 -2.17 43.62
C GLY C 41 -1.40 -1.18 42.64
N LYS C 42 -0.79 -1.02 41.46
CA LYS C 42 -1.10 0.05 40.53
C LYS C 42 -1.73 -0.46 39.23
N ALA C 43 -2.42 0.45 38.55
CA ALA C 43 -2.86 0.17 37.22
C ALA C 43 -1.68 0.09 36.25
N PRO C 44 -1.86 -0.62 35.14
CA PRO C 44 -0.83 -0.65 34.10
C PRO C 44 -0.59 0.73 33.51
N LYS C 45 0.65 0.93 33.10
CA LYS C 45 1.14 2.18 32.53
C LYS C 45 1.84 1.84 31.22
N LEU C 46 1.46 2.54 30.15
CA LEU C 46 2.03 2.29 28.85
C LEU C 46 3.47 2.82 28.76
N LEU C 47 4.38 1.97 28.33
CA LEU C 47 5.79 2.32 28.16
C LEU C 47 6.18 2.47 26.69
N ILE C 48 5.72 1.56 25.84
CA ILE C 48 6.14 1.45 24.46
C ILE C 48 4.89 1.25 23.61
N TYR C 49 4.72 2.09 22.59
CA TYR C 49 3.60 1.95 21.66
C TYR C 49 4.11 1.70 20.25
N ASP C 50 3.26 1.01 19.47
CA ASP C 50 3.59 0.57 18.12
C ASP C 50 4.99 -0.05 18.05
N ALA C 51 5.20 -1.05 18.92
CA ALA C 51 6.37 -1.92 18.93
C ALA C 51 7.68 -1.24 19.37
N SER C 52 7.99 -0.06 18.84
CA SER C 52 9.31 0.52 19.08
C SER C 52 9.31 1.95 19.61
N ASN C 53 8.15 2.54 19.87
CA ASN C 53 8.10 3.96 20.17
C ASN C 53 7.96 4.20 21.67
N LEU C 54 8.86 5.01 22.20
CA LEU C 54 8.90 5.31 23.62
C LEU C 54 7.82 6.33 23.96
N GLU C 55 6.90 5.95 24.85
CA GLU C 55 5.81 6.85 25.18
C GLU C 55 6.35 8.04 25.93
N THR C 56 5.62 9.16 25.83
CA THR C 56 6.11 10.41 26.38
C THR C 56 6.38 10.27 27.86
N GLY C 57 7.56 10.68 28.30
CA GLY C 57 7.96 10.64 29.68
C GLY C 57 8.80 9.43 30.06
N VAL C 58 8.68 8.35 29.30
CA VAL C 58 9.24 7.05 29.69
C VAL C 58 10.76 7.08 29.50
N PRO C 59 11.53 6.64 30.51
CA PRO C 59 12.99 6.67 30.40
C PRO C 59 13.50 5.93 29.18
N SER C 60 14.72 6.29 28.78
CA SER C 60 15.34 5.79 27.55
C SER C 60 15.89 4.38 27.69
N ARG C 61 16.00 3.84 28.90
CA ARG C 61 16.47 2.46 29.03
C ARG C 61 15.44 1.45 28.57
N PHE C 62 14.19 1.86 28.33
CA PHE C 62 13.18 0.97 27.77
C PHE C 62 13.15 1.07 26.25
N SER C 63 13.03 -0.08 25.58
CA SER C 63 13.04 -0.13 24.13
C SER C 63 12.22 -1.32 23.66
N GLY C 64 11.97 -1.34 22.35
CA GLY C 64 11.14 -2.35 21.75
C GLY C 64 11.48 -2.49 20.28
N SER C 65 11.18 -3.66 19.74
CA SER C 65 11.56 -4.03 18.39
C SER C 65 10.59 -5.06 17.86
N GLY C 66 10.29 -4.98 16.57
CA GLY C 66 9.50 -6.03 15.96
C GLY C 66 8.46 -5.52 14.98
N SER C 67 8.12 -6.40 14.04
CA SER C 67 7.04 -6.20 13.09
C SER C 67 6.56 -7.59 12.67
N GLY C 68 5.24 -7.73 12.50
CA GLY C 68 4.66 -8.98 12.06
C GLY C 68 4.19 -9.87 13.18
N THR C 69 5.01 -10.84 13.57
CA THR C 69 4.63 -11.74 14.65
C THR C 69 5.58 -11.73 15.84
N ASP C 70 6.86 -11.50 15.62
CA ASP C 70 7.89 -11.61 16.65
C ASP C 70 8.35 -10.24 17.14
N PHE C 71 8.25 -10.02 18.46
CA PHE C 71 8.55 -8.76 19.11
C PHE C 71 9.41 -8.97 20.35
N THR C 72 10.23 -7.97 20.65
CA THR C 72 11.00 -7.94 21.89
C THR C 72 10.79 -6.61 22.61
N PHE C 73 11.06 -6.67 23.92
CA PHE C 73 11.03 -5.53 24.82
C PHE C 73 12.25 -5.63 25.72
N THR C 74 13.06 -4.57 25.74
CA THR C 74 14.34 -4.58 26.43
C THR C 74 14.38 -3.48 27.49
N ILE C 75 14.98 -3.80 28.63
CA ILE C 75 15.39 -2.83 29.64
C ILE C 75 16.92 -2.82 29.64
N SER C 76 17.53 -1.66 29.35
CA SER C 76 18.97 -1.59 29.11
C SER C 76 19.76 -1.87 30.38
N SER C 77 19.43 -1.16 31.46
CA SER C 77 20.06 -1.36 32.76
C SER C 77 18.93 -1.44 33.79
N LEU C 78 18.65 -2.65 34.27
CA LEU C 78 17.58 -2.84 35.22
C LEU C 78 17.82 -2.05 36.50
N GLN C 79 16.76 -1.42 36.99
CA GLN C 79 16.79 -0.65 38.23
C GLN C 79 15.77 -1.22 39.22
N PRO C 80 16.02 -1.09 40.52
CA PRO C 80 15.06 -1.64 41.50
C PRO C 80 13.67 -1.02 41.41
N GLU C 81 13.51 0.15 40.77
CA GLU C 81 12.18 0.67 40.54
C GLU C 81 11.50 0.04 39.33
N ASP C 82 12.17 -0.89 38.65
CA ASP C 82 11.55 -1.60 37.54
C ASP C 82 10.88 -2.90 37.98
N ILE C 83 10.84 -3.16 39.29
CA ILE C 83 10.06 -4.25 39.85
C ILE C 83 8.61 -4.09 39.41
N ALA C 84 8.16 -4.96 38.53
CA ALA C 84 6.82 -4.86 37.98
C ALA C 84 6.55 -6.12 37.19
N THR C 85 5.29 -6.27 36.80
CA THR C 85 4.87 -7.24 35.82
C THR C 85 4.62 -6.53 34.49
N TYR C 86 5.26 -7.03 33.43
CA TYR C 86 5.24 -6.44 32.09
C TYR C 86 4.37 -7.27 31.17
N TYR C 87 3.52 -6.58 30.39
CA TYR C 87 2.54 -7.20 29.52
C TYR C 87 2.67 -6.66 28.09
N CYS C 88 2.63 -7.54 27.09
CA CYS C 88 2.42 -7.06 25.73
C CYS C 88 0.95 -6.98 25.43
N GLN C 89 0.64 -6.22 24.40
CA GLN C 89 -0.76 -6.04 24.03
C GLN C 89 -0.85 -5.69 22.55
N GLN C 90 -1.62 -6.48 21.80
CA GLN C 90 -1.97 -6.14 20.43
C GLN C 90 -3.34 -5.44 20.44
N TYR C 91 -3.47 -4.33 19.71
CA TYR C 91 -4.61 -3.44 19.90
C TYR C 91 -5.41 -3.13 18.64
N ASP C 92 -4.96 -3.59 17.48
CA ASP C 92 -5.59 -3.27 16.20
C ASP C 92 -6.52 -4.37 15.72
N ASN C 93 -6.54 -5.54 16.37
CA ASN C 93 -7.46 -6.61 16.04
C ASN C 93 -8.32 -6.93 17.27
N LEU C 94 -9.64 -6.72 17.14
CA LEU C 94 -10.57 -6.94 18.24
C LEU C 94 -10.95 -8.41 18.31
N PRO C 95 -10.92 -9.03 19.50
CA PRO C 95 -10.64 -8.39 20.80
C PRO C 95 -9.19 -8.08 21.06
N VAL C 96 -8.99 -6.96 21.75
CA VAL C 96 -7.66 -6.64 22.24
C VAL C 96 -7.19 -7.79 23.11
N THR C 97 -5.92 -8.13 22.98
CA THR C 97 -5.40 -9.29 23.69
C THR C 97 -4.02 -8.97 24.24
N PHE C 98 -3.76 -9.54 25.41
CA PHE C 98 -2.56 -9.35 26.20
C PHE C 98 -1.77 -10.65 26.28
N GLY C 99 -0.46 -10.51 26.41
CA GLY C 99 0.36 -11.63 26.79
C GLY C 99 0.10 -12.02 28.23
N GLY C 100 0.69 -13.15 28.61
CA GLY C 100 0.51 -13.64 29.98
C GLY C 100 1.22 -12.83 31.03
N GLY C 101 2.20 -12.03 30.64
CA GLY C 101 2.93 -11.21 31.61
C GLY C 101 4.28 -11.79 31.96
N THR C 102 5.22 -10.90 32.30
CA THR C 102 6.54 -11.29 32.77
C THR C 102 6.78 -10.62 34.12
N LYS C 103 6.93 -11.42 35.17
CA LYS C 103 7.19 -10.92 36.50
C LYS C 103 8.69 -10.75 36.66
N VAL C 104 9.13 -9.61 37.19
CA VAL C 104 10.54 -9.23 37.22
C VAL C 104 10.96 -9.12 38.68
N ASP C 105 11.95 -9.92 39.07
CA ASP C 105 12.52 -9.89 40.42
C ASP C 105 13.90 -9.24 40.30
N ILE C 106 14.19 -8.31 41.19
CA ILE C 106 15.49 -7.64 41.20
C ILE C 106 16.37 -8.34 42.22
N LYS C 107 17.63 -8.54 41.85
CA LYS C 107 18.53 -9.28 42.73
C LYS C 107 19.20 -8.34 43.71
N ARG C 108 19.47 -8.87 44.89
CA ARG C 108 20.26 -8.15 45.88
C ARG C 108 21.06 -9.18 46.67
N THR C 109 21.91 -8.69 47.56
CA THR C 109 22.66 -9.59 48.43
C THR C 109 21.70 -10.39 49.31
N VAL C 110 22.07 -11.63 49.60
CA VAL C 110 21.22 -12.48 50.42
C VAL C 110 20.93 -11.76 51.74
N ALA C 111 19.66 -11.79 52.13
CA ALA C 111 19.19 -11.15 53.35
C ALA C 111 18.41 -12.18 54.17
N ALA C 112 18.92 -12.50 55.35
CA ALA C 112 18.22 -13.41 56.20
C ALA C 112 17.02 -12.71 56.84
N PRO C 113 15.93 -13.43 57.08
CA PRO C 113 14.78 -12.81 57.73
C PRO C 113 15.00 -12.67 59.23
N SER C 114 14.35 -11.66 59.80
CA SER C 114 14.04 -11.63 61.21
C SER C 114 12.77 -12.44 61.41
N VAL C 115 12.71 -13.25 62.45
CA VAL C 115 11.57 -14.14 62.65
C VAL C 115 10.87 -13.77 63.95
N PHE C 116 9.55 -13.83 63.94
CA PHE C 116 8.74 -13.50 65.11
C PHE C 116 7.53 -14.43 65.14
N ILE C 117 7.19 -14.92 66.33
CA ILE C 117 5.99 -15.71 66.48
C ILE C 117 5.05 -14.97 67.41
N PHE C 118 3.76 -14.99 67.07
CA PHE C 118 2.72 -14.36 67.86
C PHE C 118 1.71 -15.40 68.34
N PRO C 119 1.50 -15.53 69.65
CA PRO C 119 0.41 -16.37 70.17
C PRO C 119 -0.94 -15.75 69.85
N PRO C 120 -2.00 -16.54 69.95
CA PRO C 120 -3.34 -15.98 69.76
C PRO C 120 -3.67 -15.01 70.88
N SER C 121 -4.50 -14.04 70.56
CA SER C 121 -4.89 -13.08 71.56
C SER C 121 -5.93 -13.70 72.49
N ASP C 122 -5.95 -13.23 73.74
CA ASP C 122 -7.03 -13.60 74.65
C ASP C 122 -8.39 -13.28 74.03
N GLU C 123 -8.48 -12.18 73.29
CA GLU C 123 -9.77 -11.77 72.72
C GLU C 123 -10.23 -12.80 71.69
N GLN C 124 -9.31 -13.30 70.85
CA GLN C 124 -9.67 -14.32 69.87
C GLN C 124 -10.05 -15.63 70.54
N LEU C 125 -9.31 -16.03 71.58
CA LEU C 125 -9.60 -17.27 72.27
C LEU C 125 -11.00 -17.28 72.88
N LYS C 126 -11.51 -16.13 73.36
CA LYS C 126 -12.87 -16.07 73.89
C LYS C 126 -13.90 -16.39 72.80
N SER C 127 -13.52 -16.29 71.53
CA SER C 127 -14.38 -16.58 70.40
C SER C 127 -14.38 -18.05 70.00
N GLY C 128 -13.48 -18.86 70.54
CA GLY C 128 -13.40 -20.26 70.20
C GLY C 128 -12.35 -20.64 69.18
N THR C 129 -11.52 -19.69 68.77
CA THR C 129 -10.53 -19.92 67.73
C THR C 129 -9.19 -19.34 68.16
N ALA C 130 -8.12 -19.90 67.62
CA ALA C 130 -6.74 -19.52 67.94
C ALA C 130 -5.94 -19.44 66.64
N SER C 131 -5.54 -18.24 66.25
CA SER C 131 -4.58 -18.05 65.16
C SER C 131 -3.18 -17.79 65.73
N VAL C 132 -2.22 -18.55 65.24
CA VAL C 132 -0.81 -18.35 65.56
C VAL C 132 -0.12 -17.82 64.32
N VAL C 133 0.61 -16.71 64.45
CA VAL C 133 1.22 -16.05 63.32
C VAL C 133 2.73 -16.14 63.45
N CYS C 134 3.39 -16.56 62.36
CA CYS C 134 4.84 -16.55 62.19
C CYS C 134 5.16 -15.53 61.11
N LEU C 135 6.04 -14.59 61.42
CA LEU C 135 6.42 -13.52 60.52
C LEU C 135 7.89 -13.64 60.14
N LEU C 136 8.17 -13.68 58.83
CA LEU C 136 9.52 -13.54 58.28
C LEU C 136 9.62 -12.16 57.67
N ASN C 137 10.55 -11.36 58.17
CA ASN C 137 10.61 -9.94 57.84
C ASN C 137 11.87 -9.61 57.04
N ASN C 138 11.66 -9.06 55.84
CA ASN C 138 12.70 -8.38 55.04
C ASN C 138 13.83 -9.33 54.62
N PHE C 139 13.48 -10.28 53.75
CA PHE C 139 14.44 -11.31 53.37
C PHE C 139 14.59 -11.39 51.85
N TYR C 140 15.72 -11.97 51.42
CA TYR C 140 15.97 -12.20 50.00
C TYR C 140 16.94 -13.36 49.89
N PRO C 141 16.73 -14.31 48.96
CA PRO C 141 15.63 -14.40 47.98
C PRO C 141 14.30 -14.78 48.56
N ARG C 142 13.29 -14.84 47.69
CA ARG C 142 11.93 -15.11 48.13
C ARG C 142 11.79 -16.53 48.68
N GLU C 143 12.60 -17.46 48.17
CA GLU C 143 12.48 -18.86 48.58
C GLU C 143 12.77 -19.01 50.06
N ALA C 144 11.77 -19.48 50.81
CA ALA C 144 11.90 -19.74 52.24
C ALA C 144 11.01 -20.91 52.59
N LYS C 145 11.39 -21.66 53.62
CA LYS C 145 10.60 -22.78 54.09
C LYS C 145 10.21 -22.56 55.54
N VAL C 146 8.91 -22.57 55.82
CA VAL C 146 8.36 -22.37 57.15
C VAL C 146 7.60 -23.63 57.55
N GLN C 147 7.99 -24.22 58.68
CA GLN C 147 7.34 -25.43 59.18
C GLN C 147 6.83 -25.17 60.58
N TRP C 148 5.56 -25.47 60.79
CA TRP C 148 4.98 -25.44 62.13
C TRP C 148 5.34 -26.74 62.85
N LYS C 149 5.87 -26.60 64.07
CA LYS C 149 6.10 -27.75 64.93
C LYS C 149 5.32 -27.55 66.22
N VAL C 150 4.45 -28.52 66.52
CA VAL C 150 3.57 -28.48 67.68
C VAL C 150 3.93 -29.67 68.58
N ASP C 151 4.56 -29.37 69.72
CA ASP C 151 5.12 -30.38 70.61
C ASP C 151 6.08 -31.30 69.83
N ASN C 152 6.85 -30.68 68.95
CA ASN C 152 7.87 -31.28 68.08
C ASN C 152 7.30 -32.14 66.96
N ALA C 153 5.98 -32.24 66.82
CA ALA C 153 5.39 -32.87 65.64
C ALA C 153 5.24 -31.86 64.52
N LEU C 154 5.48 -32.31 63.29
CA LEU C 154 5.28 -31.45 62.13
C LEU C 154 3.79 -31.31 61.83
N GLN C 155 3.32 -30.07 61.74
CA GLN C 155 1.91 -29.77 61.56
C GLN C 155 1.65 -29.29 60.16
N SER C 156 0.77 -30.00 59.47
CA SER C 156 0.34 -29.71 58.12
C SER C 156 -1.17 -29.53 58.08
N GLY C 157 -1.63 -28.78 57.07
CA GLY C 157 -3.03 -28.74 56.73
C GLY C 157 -3.86 -27.67 57.39
N ASN C 158 -3.26 -26.86 58.25
CA ASN C 158 -4.05 -25.85 58.94
C ASN C 158 -3.30 -24.54 58.99
N SER C 159 -2.45 -24.28 58.00
CA SER C 159 -1.68 -23.07 57.91
C SER C 159 -1.77 -22.53 56.49
N GLN C 160 -1.69 -21.20 56.38
CA GLN C 160 -1.72 -20.50 55.11
C GLN C 160 -0.65 -19.43 55.10
N GLU C 161 -0.03 -19.23 53.94
CA GLU C 161 1.06 -18.27 53.79
C GLU C 161 0.64 -17.10 52.91
N SER C 162 1.24 -15.95 53.19
CA SER C 162 1.04 -14.79 52.34
C SER C 162 2.38 -14.10 52.26
N VAL C 163 2.77 -13.71 51.04
CA VAL C 163 4.05 -13.07 50.79
C VAL C 163 3.80 -11.70 50.20
N THR C 164 4.60 -10.72 50.61
CA THR C 164 4.50 -9.41 50.02
C THR C 164 5.15 -9.41 48.64
N GLU C 165 4.77 -8.44 47.83
CA GLU C 165 5.53 -8.22 46.62
C GLU C 165 6.85 -7.57 46.96
N GLN C 166 7.84 -7.77 46.09
CA GLN C 166 9.19 -7.32 46.40
C GLN C 166 9.20 -5.80 46.62
N ASP C 167 9.91 -5.39 47.66
CA ASP C 167 9.93 -3.99 48.06
C ASP C 167 10.79 -3.18 47.10
N SER C 168 10.25 -2.06 46.60
CA SER C 168 11.04 -1.24 45.69
C SER C 168 12.19 -0.53 46.40
N LYS C 169 12.15 -0.43 47.72
CA LYS C 169 13.12 0.35 48.48
C LYS C 169 14.34 -0.48 48.91
N ASP C 170 14.13 -1.69 49.45
CA ASP C 170 15.24 -2.53 49.86
C ASP C 170 15.32 -3.87 49.11
N SER C 171 14.39 -4.14 48.19
CA SER C 171 14.43 -5.31 47.32
C SER C 171 14.22 -6.62 48.09
N THR C 172 13.51 -6.55 49.21
CA THR C 172 13.25 -7.68 50.07
C THR C 172 11.79 -8.10 49.97
N TYR C 173 11.53 -9.29 50.51
CA TYR C 173 10.21 -9.84 50.70
C TYR C 173 9.94 -10.01 52.18
N SER C 174 8.66 -10.06 52.54
CA SER C 174 8.25 -10.49 53.85
C SER C 174 7.15 -11.53 53.70
N LEU C 175 7.02 -12.40 54.70
CA LEU C 175 6.09 -13.50 54.62
C LEU C 175 5.44 -13.74 55.97
N SER C 176 4.15 -14.07 55.94
CA SER C 176 3.43 -14.48 57.13
C SER C 176 2.92 -15.90 56.92
N SER C 177 2.99 -16.73 57.97
CA SER C 177 2.34 -18.04 57.99
C SER C 177 1.39 -18.06 59.17
N THR C 178 0.11 -18.28 58.91
CA THR C 178 -0.90 -18.21 59.95
C THR C 178 -1.46 -19.61 60.17
N LEU C 179 -1.38 -20.07 61.42
CA LEU C 179 -1.85 -21.38 61.86
C LEU C 179 -3.14 -21.19 62.66
N THR C 180 -4.23 -21.78 62.18
CA THR C 180 -5.54 -21.57 62.77
C THR C 180 -6.11 -22.88 63.32
N LEU C 181 -6.53 -22.84 64.59
CA LEU C 181 -6.99 -23.99 65.33
C LEU C 181 -8.25 -23.64 66.10
N SER C 182 -9.10 -24.64 66.33
CA SER C 182 -10.16 -24.44 67.30
C SER C 182 -9.54 -24.29 68.69
N LYS C 183 -10.24 -23.55 69.56
CA LYS C 183 -9.73 -23.34 70.92
C LYS C 183 -9.51 -24.67 71.61
N ALA C 184 -10.40 -25.64 71.35
CA ALA C 184 -10.26 -26.97 71.94
C ALA C 184 -9.00 -27.68 71.42
N ASP C 185 -8.79 -27.66 70.10
CA ASP C 185 -7.56 -28.26 69.58
C ASP C 185 -6.31 -27.53 70.08
N TYR C 186 -6.35 -26.19 70.09
CA TYR C 186 -5.20 -25.43 70.59
C TYR C 186 -4.82 -25.86 72.00
N GLU C 187 -5.81 -26.20 72.83
CA GLU C 187 -5.55 -26.57 74.21
C GLU C 187 -5.09 -28.02 74.35
N LYS C 188 -4.92 -28.75 73.24
CA LYS C 188 -4.37 -30.09 73.26
C LYS C 188 -2.85 -30.12 73.22
N HIS C 189 -2.22 -28.97 72.93
CA HIS C 189 -0.78 -28.90 72.75
C HIS C 189 -0.19 -27.80 73.63
N LYS C 190 1.10 -27.91 73.86
CA LYS C 190 1.81 -27.00 74.74
C LYS C 190 2.75 -26.08 73.96
N VAL C 191 3.72 -26.64 73.24
CA VAL C 191 4.76 -25.86 72.59
C VAL C 191 4.40 -25.64 71.12
N TYR C 192 4.29 -24.37 70.73
CA TYR C 192 4.02 -23.99 69.36
C TYR C 192 5.26 -23.30 68.79
N ALA C 193 5.74 -23.79 67.65
CA ALA C 193 6.98 -23.29 67.07
C ALA C 193 6.85 -23.17 65.56
N CYS C 194 7.48 -22.16 64.98
CA CYS C 194 7.74 -22.14 63.56
C CYS C 194 9.24 -22.22 63.33
N GLU C 195 9.64 -23.08 62.40
CA GLU C 195 11.03 -23.30 62.08
C GLU C 195 11.23 -22.78 60.67
N VAL C 196 12.26 -21.96 60.49
CA VAL C 196 12.42 -21.18 59.27
C VAL C 196 13.74 -21.54 58.64
N THR C 197 13.69 -21.97 57.38
CA THR C 197 14.85 -22.30 56.60
C THR C 197 15.00 -21.27 55.50
N HIS C 198 16.21 -20.73 55.37
CA HIS C 198 16.42 -19.70 54.36
C HIS C 198 17.90 -19.59 54.06
N GLN C 199 18.21 -19.21 52.82
CA GLN C 199 19.60 -19.19 52.39
C GLN C 199 20.45 -18.25 53.23
N GLY C 200 19.86 -17.24 53.84
CA GLY C 200 20.69 -16.38 54.67
C GLY C 200 20.95 -16.91 56.06
N LEU C 201 20.32 -18.02 56.43
CA LEU C 201 20.49 -18.62 57.74
C LEU C 201 21.37 -19.85 57.60
N SER C 202 22.44 -19.93 58.39
CA SER C 202 23.34 -21.09 58.32
C SER C 202 22.66 -22.35 58.84
N SER C 203 21.69 -22.19 59.73
CA SER C 203 20.90 -23.26 60.30
C SER C 203 19.50 -22.72 60.40
N PRO C 204 18.49 -23.60 60.48
CA PRO C 204 17.12 -23.12 60.65
C PRO C 204 16.92 -22.43 61.99
N VAL C 205 16.08 -21.40 61.94
CA VAL C 205 15.75 -20.58 63.07
C VAL C 205 14.37 -21.00 63.56
N THR C 206 14.25 -21.23 64.85
CA THR C 206 13.00 -21.66 65.47
C THR C 206 12.59 -20.60 66.49
N LYS C 207 11.35 -20.15 66.40
CA LYS C 207 10.77 -19.25 67.38
C LYS C 207 9.58 -19.97 68.01
N SER C 208 9.49 -19.96 69.35
CA SER C 208 8.42 -20.74 69.95
C SER C 208 7.86 -20.05 71.19
N PHE C 209 6.68 -20.51 71.61
CA PHE C 209 6.13 -20.20 72.92
C PHE C 209 5.47 -21.44 73.52
N ASN C 210 5.32 -21.43 74.85
CA ASN C 210 4.54 -22.42 75.57
C ASN C 210 3.15 -21.86 75.86
N ARG C 211 2.11 -22.58 75.42
CA ARG C 211 0.74 -22.14 75.64
C ARG C 211 0.47 -22.01 77.12
N GLY C 212 0.07 -20.80 77.54
CA GLY C 212 -0.08 -20.52 78.95
C GLY C 212 1.24 -20.22 79.66
N GLU C 213 2.01 -19.26 79.16
CA GLU C 213 3.26 -18.85 79.78
C GLU C 213 3.59 -17.44 79.32
N CYS C 214 3.89 -16.55 80.27
CA CYS C 214 4.30 -15.19 79.97
C CYS C 214 5.04 -14.56 81.16
N ALA D 1 -14.31 18.64 -35.71
CA ALA D 1 -13.90 17.52 -34.87
C ALA D 1 -12.68 17.91 -34.05
N ILE D 2 -12.34 17.07 -33.09
CA ILE D 2 -11.18 17.33 -32.24
C ILE D 2 -9.91 17.21 -33.07
N ARG D 3 -8.95 18.09 -32.79
CA ARG D 3 -7.65 18.08 -33.46
C ARG D 3 -6.59 18.10 -32.38
N MET D 4 -5.66 17.15 -32.44
CA MET D 4 -4.56 17.05 -31.48
C MET D 4 -3.29 17.48 -32.20
N THR D 5 -2.70 18.59 -31.75
CA THR D 5 -1.49 19.12 -32.35
C THR D 5 -0.33 18.89 -31.39
N GLN D 6 0.69 18.20 -31.88
CA GLN D 6 1.86 17.92 -31.08
C GLN D 6 2.93 18.96 -31.33
N SER D 7 3.72 19.21 -30.29
CA SER D 7 4.78 20.19 -30.31
C SER D 7 5.87 19.68 -29.38
N PRO D 8 7.15 19.81 -29.76
CA PRO D 8 7.57 20.29 -31.07
C PRO D 8 7.47 19.14 -32.09
N GLY D 9 7.64 19.45 -33.37
CA GLY D 9 7.60 18.36 -34.35
C GLY D 9 8.87 17.53 -34.32
N THR D 10 9.99 18.15 -33.95
CA THR D 10 11.26 17.45 -33.84
C THR D 10 11.94 17.94 -32.57
N LEU D 11 12.24 16.99 -31.68
CA LEU D 11 12.99 17.24 -30.46
C LEU D 11 14.39 16.67 -30.65
N SER D 12 15.39 17.53 -30.50
CA SER D 12 16.78 17.18 -30.76
C SER D 12 17.55 17.27 -29.44
N LEU D 13 17.83 16.10 -28.87
CA LEU D 13 18.40 16.01 -27.52
C LEU D 13 19.51 14.98 -27.52
N SER D 14 20.31 14.99 -26.45
CA SER D 14 21.38 14.04 -26.21
C SER D 14 20.92 13.00 -25.17
N PRO D 15 21.46 11.79 -25.23
CA PRO D 15 21.12 10.79 -24.21
C PRO D 15 21.50 11.29 -22.80
N GLY D 16 20.66 10.94 -21.83
CA GLY D 16 20.77 11.49 -20.50
C GLY D 16 19.96 12.75 -20.25
N GLU D 17 19.51 13.43 -21.30
CA GLU D 17 18.70 14.64 -21.13
C GLU D 17 17.23 14.28 -20.89
N ARG D 18 16.48 15.27 -20.45
CA ARG D 18 15.04 15.13 -20.21
C ARG D 18 14.29 15.60 -21.44
N ALA D 19 13.33 14.81 -21.87
CA ALA D 19 12.48 15.12 -23.01
C ALA D 19 11.09 15.47 -22.52
N THR D 20 10.54 16.58 -23.02
CA THR D 20 9.18 16.98 -22.70
C THR D 20 8.44 17.16 -24.02
N LEU D 21 7.47 16.29 -24.26
CA LEU D 21 6.65 16.30 -25.47
C LEU D 21 5.26 16.80 -25.12
N SER D 22 4.66 17.59 -26.01
CA SER D 22 3.38 18.21 -25.76
C SER D 22 2.31 17.72 -26.74
N CYS D 23 1.09 17.68 -26.23
CA CYS D 23 -0.11 17.33 -27.00
C CYS D 23 -1.19 18.32 -26.59
N ARG D 24 -1.67 19.09 -27.56
CA ARG D 24 -2.68 20.12 -27.30
C ARG D 24 -3.94 19.78 -28.08
N ALA D 25 -5.08 19.83 -27.40
CA ALA D 25 -6.35 19.47 -28.00
C ALA D 25 -7.15 20.71 -28.31
N SER D 26 -7.81 20.72 -29.47
CA SER D 26 -8.58 21.90 -29.88
C SER D 26 -9.75 22.16 -28.93
N GLN D 27 -10.21 21.15 -28.22
CA GLN D 27 -11.24 21.24 -27.19
C GLN D 27 -10.71 20.59 -25.91
N SER D 28 -11.44 20.77 -24.81
CA SER D 28 -11.13 19.99 -23.62
C SER D 28 -11.47 18.52 -23.88
N VAL D 29 -10.57 17.65 -23.43
CA VAL D 29 -10.68 16.20 -23.58
C VAL D 29 -10.56 15.58 -22.19
N SER D 30 -11.32 14.51 -21.95
CA SER D 30 -11.19 13.78 -20.71
C SER D 30 -9.81 13.17 -20.59
N SER D 31 -9.19 13.32 -19.42
CA SER D 31 -7.86 12.77 -19.22
C SER D 31 -7.88 11.25 -19.17
N SER D 32 -9.05 10.65 -18.94
CA SER D 32 -9.15 9.19 -18.91
C SER D 32 -8.91 8.56 -20.27
N TYR D 33 -8.96 9.35 -21.35
CA TYR D 33 -8.94 8.80 -22.70
C TYR D 33 -7.87 9.45 -23.56
N LEU D 34 -6.67 9.59 -22.98
CA LEU D 34 -5.53 10.14 -23.69
C LEU D 34 -4.40 9.12 -23.62
N ALA D 35 -3.81 8.81 -24.78
CA ALA D 35 -2.79 7.81 -24.89
C ALA D 35 -1.57 8.36 -25.62
N TRP D 36 -0.43 7.72 -25.36
CA TRP D 36 0.84 7.97 -26.04
C TRP D 36 1.41 6.69 -26.64
N TYR D 37 1.99 6.82 -27.83
CA TYR D 37 2.59 5.70 -28.55
C TYR D 37 4.03 6.03 -28.90
N GLN D 38 4.86 5.00 -28.95
CA GLN D 38 6.22 5.09 -29.47
C GLN D 38 6.27 4.25 -30.73
N GLN D 39 6.89 4.78 -31.78
CA GLN D 39 7.08 3.98 -32.98
C GLN D 39 8.52 4.13 -33.46
N LYS D 40 9.10 3.02 -33.84
CA LYS D 40 10.43 2.94 -34.38
C LYS D 40 10.33 2.49 -35.83
N PRO D 41 11.30 2.86 -36.68
CA PRO D 41 11.16 2.56 -38.10
C PRO D 41 11.01 1.07 -38.37
N GLY D 42 10.03 0.76 -39.23
CA GLY D 42 9.74 -0.60 -39.61
C GLY D 42 8.91 -1.37 -38.61
N GLN D 43 8.40 -0.70 -37.58
CA GLN D 43 7.74 -1.36 -36.47
C GLN D 43 6.34 -0.78 -36.29
N ALA D 44 5.49 -1.59 -35.65
CA ALA D 44 4.15 -1.15 -35.30
C ALA D 44 4.22 -0.22 -34.09
N PRO D 45 3.25 0.67 -33.93
CA PRO D 45 3.24 1.54 -32.76
C PRO D 45 3.12 0.71 -31.50
N ARG D 46 3.85 1.14 -30.48
CA ARG D 46 3.86 0.53 -29.17
C ARG D 46 3.19 1.48 -28.18
N LEU D 47 2.10 1.03 -27.55
CA LEU D 47 1.45 1.80 -26.48
C LEU D 47 2.38 1.97 -25.29
N LEU D 48 2.55 3.22 -24.85
CA LEU D 48 3.34 3.59 -23.67
C LEU D 48 2.47 4.01 -22.49
N ILE D 49 1.56 4.94 -22.74
CA ILE D 49 0.74 5.57 -21.72
C ILE D 49 -0.71 5.46 -22.17
N TYR D 50 -1.59 5.14 -21.23
CA TYR D 50 -3.02 5.18 -21.47
C TYR D 50 -3.69 5.80 -20.26
N GLY D 51 -4.87 6.38 -20.48
CA GLY D 51 -5.51 7.11 -19.39
C GLY D 51 -4.69 8.27 -18.88
N ALA D 52 -3.98 8.96 -19.79
CA ALA D 52 -3.10 10.10 -19.54
C ALA D 52 -1.84 9.77 -18.78
N SER D 53 -1.93 8.87 -17.78
CA SER D 53 -0.80 8.64 -16.88
C SER D 53 -0.47 7.18 -16.56
N SER D 54 -1.22 6.21 -17.07
CA SER D 54 -0.94 4.80 -16.76
C SER D 54 0.06 4.23 -17.76
N ARG D 55 1.08 3.53 -17.26
CA ARG D 55 2.07 2.90 -18.12
C ARG D 55 1.58 1.52 -18.53
N ALA D 56 1.75 1.20 -19.81
CA ALA D 56 1.43 -0.14 -20.25
C ALA D 56 2.53 -1.10 -19.79
N THR D 57 2.30 -2.39 -20.01
CA THR D 57 3.21 -3.40 -19.47
C THR D 57 4.58 -3.28 -20.14
N GLY D 58 5.64 -3.44 -19.34
CA GLY D 58 6.98 -3.37 -19.88
C GLY D 58 7.56 -1.99 -20.05
N ILE D 59 6.76 -0.94 -19.89
CA ILE D 59 7.23 0.44 -20.07
C ILE D 59 8.02 0.89 -18.85
N PRO D 60 9.27 1.30 -19.02
CA PRO D 60 10.06 1.78 -17.88
C PRO D 60 9.48 3.05 -17.27
N ASP D 61 9.85 3.28 -16.01
CA ASP D 61 9.27 4.37 -15.24
C ASP D 61 9.93 5.72 -15.52
N ARG D 62 10.88 5.76 -16.45
CA ARG D 62 11.35 7.05 -16.94
C ARG D 62 10.33 7.71 -17.88
N PHE D 63 9.28 6.98 -18.26
CA PHE D 63 8.15 7.51 -19.03
C PHE D 63 7.02 7.87 -18.07
N SER D 64 6.56 9.11 -18.14
CA SER D 64 5.43 9.56 -17.33
C SER D 64 4.55 10.45 -18.19
N GLY D 65 3.25 10.24 -18.09
CA GLY D 65 2.27 11.09 -18.75
C GLY D 65 1.57 11.94 -17.71
N SER D 66 1.18 13.15 -18.13
CA SER D 66 0.44 14.06 -17.26
C SER D 66 -0.45 14.94 -18.13
N GLY D 67 -1.24 15.78 -17.48
CA GLY D 67 -2.07 16.75 -18.16
C GLY D 67 -3.55 16.54 -17.91
N SER D 68 -4.32 17.52 -18.38
CA SER D 68 -5.75 17.61 -18.21
C SER D 68 -6.26 18.73 -19.10
N GLY D 69 -7.55 18.66 -19.45
CA GLY D 69 -8.17 19.67 -20.29
C GLY D 69 -7.69 19.64 -21.74
N THR D 70 -6.84 20.60 -22.11
CA THR D 70 -6.33 20.70 -23.47
C THR D 70 -4.83 20.48 -23.58
N ASP D 71 -4.09 20.41 -22.48
CA ASP D 71 -2.63 20.32 -22.52
C ASP D 71 -2.19 19.02 -21.85
N PHE D 72 -1.50 18.18 -22.61
CA PHE D 72 -0.99 16.92 -22.09
C PHE D 72 0.49 16.80 -22.41
N THR D 73 1.18 16.06 -21.57
CA THR D 73 2.63 16.02 -21.64
C THR D 73 3.13 14.59 -21.45
N LEU D 74 4.09 14.21 -22.27
CA LEU D 74 4.89 13.01 -22.08
C LEU D 74 6.29 13.44 -21.70
N THR D 75 6.75 12.99 -20.53
CA THR D 75 8.08 13.31 -20.02
C THR D 75 8.92 12.04 -20.02
N ILE D 76 10.14 12.13 -20.55
CA ILE D 76 11.14 11.08 -20.44
C ILE D 76 12.28 11.67 -19.61
N SER D 77 12.44 11.15 -18.39
CA SER D 77 13.25 11.83 -17.38
C SER D 77 14.74 11.79 -17.73
N ARG D 78 15.21 10.70 -18.33
CA ARG D 78 16.58 10.64 -18.85
C ARG D 78 16.55 9.77 -20.09
N LEU D 79 16.81 10.36 -21.25
CA LEU D 79 16.76 9.59 -22.49
C LEU D 79 17.82 8.49 -22.46
N GLU D 80 17.39 7.28 -22.78
CA GLU D 80 18.31 6.22 -23.17
C GLU D 80 18.37 6.15 -24.69
N PRO D 81 19.40 5.49 -25.26
CA PRO D 81 19.51 5.48 -26.73
C PRO D 81 18.34 4.79 -27.43
N GLU D 82 17.66 3.86 -26.74
CA GLU D 82 16.44 3.22 -27.23
C GLU D 82 15.24 4.13 -27.26
N ASP D 83 15.31 5.30 -26.63
CA ASP D 83 14.16 6.20 -26.52
C ASP D 83 14.00 7.12 -27.72
N PHE D 84 15.00 7.21 -28.60
CA PHE D 84 14.92 8.04 -29.79
C PHE D 84 14.04 7.35 -30.84
N ALA D 85 12.92 7.99 -31.14
CA ALA D 85 11.83 7.41 -31.91
C ALA D 85 10.82 8.51 -32.19
N VAL D 86 9.72 8.14 -32.83
CA VAL D 86 8.56 9.02 -33.04
C VAL D 86 7.49 8.70 -32.01
N TYR D 87 6.88 9.74 -31.41
CA TYR D 87 5.83 9.61 -30.39
C TYR D 87 4.55 10.29 -30.87
N TYR D 88 3.43 9.53 -30.85
CA TYR D 88 2.10 10.04 -31.17
C TYR D 88 1.24 10.11 -29.91
N CYS D 89 0.36 11.12 -29.87
CA CYS D 89 -0.69 11.15 -28.87
C CYS D 89 -2.02 10.77 -29.52
N GLN D 90 -2.98 10.36 -28.70
CA GLN D 90 -4.25 9.87 -29.20
C GLN D 90 -5.35 10.26 -28.23
N GLN D 91 -6.39 10.89 -28.77
CA GLN D 91 -7.64 11.11 -28.05
C GLN D 91 -8.58 9.96 -28.39
N TYR D 92 -9.10 9.29 -27.37
CA TYR D 92 -10.09 8.29 -27.69
C TYR D 92 -11.34 8.42 -26.81
N GLY D 93 -11.99 7.31 -26.51
CA GLY D 93 -13.25 7.37 -25.80
C GLY D 93 -14.05 6.10 -26.00
N THR D 94 -15.22 6.09 -25.39
CA THR D 94 -16.16 4.97 -25.51
C THR D 94 -17.13 5.14 -26.66
N SER D 95 -16.92 6.16 -27.49
CA SER D 95 -17.59 6.36 -28.76
C SER D 95 -16.60 6.14 -29.90
N PRO D 96 -17.08 5.69 -31.06
CA PRO D 96 -16.18 5.58 -32.23
C PRO D 96 -15.89 6.94 -32.82
N SER D 97 -14.95 7.65 -32.19
CA SER D 97 -14.53 8.95 -32.67
C SER D 97 -13.19 9.25 -31.98
N TRP D 98 -12.11 8.92 -32.66
CA TRP D 98 -10.76 9.07 -32.14
C TRP D 98 -9.93 9.92 -33.10
N THR D 99 -8.87 10.52 -32.57
CA THR D 99 -7.94 11.29 -33.40
C THR D 99 -6.53 11.13 -32.85
N PHE D 100 -5.57 11.11 -33.77
CA PHE D 100 -4.16 11.08 -33.41
C PHE D 100 -3.51 12.43 -33.64
N GLY D 101 -2.56 12.75 -32.77
CA GLY D 101 -1.63 13.81 -33.06
C GLY D 101 -0.73 13.44 -34.23
N GLN D 102 -0.05 14.47 -34.74
CA GLN D 102 0.67 14.27 -35.98
C GLN D 102 2.06 13.70 -35.78
N GLY D 103 2.53 13.63 -34.55
CA GLY D 103 3.82 13.00 -34.31
C GLY D 103 4.87 14.00 -33.86
N THR D 104 5.66 13.59 -32.87
CA THR D 104 6.88 14.29 -32.49
C THR D 104 8.06 13.34 -32.64
N LYS D 105 9.08 13.76 -33.38
CA LYS D 105 10.29 12.97 -33.53
C LYS D 105 11.34 13.41 -32.51
N VAL D 106 11.84 12.44 -31.73
CA VAL D 106 12.91 12.66 -30.78
C VAL D 106 14.19 12.10 -31.41
N GLU D 107 15.10 12.99 -31.79
CA GLU D 107 16.30 12.66 -32.52
C GLU D 107 17.54 13.09 -31.74
N ILE D 108 18.68 12.51 -32.12
CA ILE D 108 19.97 12.80 -31.50
C ILE D 108 20.44 14.17 -31.94
N LYS D 109 20.77 15.02 -30.95
CA LYS D 109 21.34 16.32 -31.22
C LYS D 109 22.79 16.21 -31.60
N ARG D 110 23.20 17.05 -32.54
CA ARG D 110 24.48 16.91 -33.19
C ARG D 110 24.90 18.28 -33.72
N THR D 111 26.20 18.45 -33.94
CA THR D 111 26.66 19.67 -34.58
C THR D 111 26.23 19.68 -36.04
N VAL D 112 26.16 20.89 -36.61
CA VAL D 112 25.74 21.03 -38.00
C VAL D 112 26.80 20.41 -38.91
N ALA D 113 26.34 19.55 -39.81
CA ALA D 113 27.20 18.90 -40.78
C ALA D 113 26.64 19.19 -42.16
N ALA D 114 27.43 19.87 -42.99
CA ALA D 114 27.02 20.14 -44.35
C ALA D 114 27.08 18.86 -45.19
N PRO D 115 26.21 18.73 -46.18
CA PRO D 115 26.22 17.53 -47.02
C PRO D 115 27.41 17.54 -47.98
N SER D 116 27.84 16.34 -48.33
CA SER D 116 28.66 16.11 -49.52
C SER D 116 27.71 15.74 -50.66
N VAL D 117 27.75 16.50 -51.76
CA VAL D 117 26.78 16.34 -52.85
C VAL D 117 27.45 15.66 -54.04
N PHE D 118 26.72 14.72 -54.63
CA PHE D 118 27.19 13.96 -55.78
C PHE D 118 26.05 13.84 -56.77
N ILE D 119 26.36 13.96 -58.07
CA ILE D 119 25.36 13.81 -59.10
C ILE D 119 25.82 12.72 -60.06
N PHE D 120 24.89 11.83 -60.40
CA PHE D 120 25.14 10.64 -61.20
C PHE D 120 24.32 10.70 -62.46
N PRO D 121 24.92 10.68 -63.65
CA PRO D 121 24.14 10.61 -64.87
C PRO D 121 23.50 9.25 -65.01
N PRO D 122 22.51 9.12 -65.90
CA PRO D 122 21.93 7.79 -66.13
C PRO D 122 22.94 6.90 -66.84
N SER D 123 22.83 5.61 -66.61
CA SER D 123 23.79 4.71 -67.22
C SER D 123 23.43 4.48 -68.68
N ASP D 124 24.45 4.20 -69.50
CA ASP D 124 24.15 3.90 -70.89
C ASP D 124 23.27 2.66 -70.99
N GLU D 125 23.35 1.76 -70.01
CA GLU D 125 22.56 0.54 -70.06
C GLU D 125 21.09 0.83 -69.75
N GLN D 126 20.81 1.77 -68.85
CA GLN D 126 19.42 2.17 -68.63
C GLN D 126 18.87 2.95 -69.81
N LEU D 127 19.70 3.78 -70.47
CA LEU D 127 19.20 4.53 -71.62
C LEU D 127 18.80 3.62 -72.76
N LYS D 128 19.43 2.44 -72.87
CA LYS D 128 19.01 1.46 -73.88
C LYS D 128 17.55 1.08 -73.73
N SER D 129 16.98 1.22 -72.52
CA SER D 129 15.62 0.83 -72.22
C SER D 129 14.64 1.99 -72.26
N GLY D 130 15.08 3.18 -72.63
CA GLY D 130 14.19 4.29 -72.91
C GLY D 130 14.01 5.29 -71.79
N THR D 131 14.48 4.96 -70.59
CA THR D 131 14.36 5.81 -69.42
C THR D 131 15.72 6.38 -69.05
N ALA D 132 15.70 7.55 -68.43
CA ALA D 132 16.88 8.16 -67.85
C ALA D 132 16.57 8.58 -66.43
N SER D 133 17.26 7.95 -65.46
CA SER D 133 17.19 8.34 -64.06
C SER D 133 18.49 9.07 -63.70
N VAL D 134 18.36 10.31 -63.23
CA VAL D 134 19.49 11.09 -62.71
C VAL D 134 19.39 11.11 -61.19
N VAL D 135 20.51 10.87 -60.51
CA VAL D 135 20.51 10.70 -59.06
C VAL D 135 21.42 11.75 -58.45
N CYS D 136 20.91 12.42 -57.42
CA CYS D 136 21.63 13.41 -56.65
C CYS D 136 21.70 12.88 -55.23
N LEU D 137 22.92 12.71 -54.72
CA LEU D 137 23.15 12.20 -53.37
C LEU D 137 23.58 13.35 -52.46
N LEU D 138 22.91 13.48 -51.32
CA LEU D 138 23.35 14.30 -50.20
C LEU D 138 23.83 13.35 -49.10
N ASN D 139 25.12 13.38 -48.79
CA ASN D 139 25.72 12.38 -47.92
C ASN D 139 26.07 13.02 -46.58
N ASN D 140 25.55 12.42 -45.50
CA ASN D 140 25.98 12.62 -44.12
C ASN D 140 25.85 14.08 -43.68
N PHE D 141 24.60 14.53 -43.64
CA PHE D 141 24.31 15.88 -43.20
C PHE D 141 23.46 15.89 -41.93
N TYR D 142 23.48 17.06 -41.26
CA TYR D 142 22.63 17.34 -40.12
C TYR D 142 22.50 18.85 -39.97
N PRO D 143 21.30 19.39 -39.69
CA PRO D 143 20.02 18.70 -39.47
C PRO D 143 19.36 18.18 -40.74
N ARG D 144 18.20 17.56 -40.57
CA ARG D 144 17.61 16.82 -41.69
C ARG D 144 17.04 17.77 -42.74
N GLU D 145 16.70 18.99 -42.36
CA GLU D 145 16.05 19.88 -43.29
C GLU D 145 17.02 20.25 -44.41
N ALA D 146 16.66 19.91 -45.65
CA ALA D 146 17.48 20.20 -46.80
C ALA D 146 16.59 20.42 -48.02
N LYS D 147 17.03 21.31 -48.91
CA LYS D 147 16.35 21.60 -50.16
C LYS D 147 17.15 21.04 -51.32
N VAL D 148 16.47 20.36 -52.23
CA VAL D 148 17.09 19.81 -53.43
C VAL D 148 16.23 20.23 -54.61
N GLN D 149 16.78 21.04 -55.50
CA GLN D 149 16.06 21.49 -56.68
C GLN D 149 16.83 21.06 -57.93
N TRP D 150 16.09 20.49 -58.87
CA TRP D 150 16.65 20.07 -60.15
C TRP D 150 16.46 21.15 -61.20
N LYS D 151 17.57 21.52 -61.84
CA LYS D 151 17.55 22.42 -62.98
C LYS D 151 18.06 21.68 -64.21
N VAL D 152 17.28 21.71 -65.29
CA VAL D 152 17.63 21.11 -66.57
C VAL D 152 17.72 22.23 -67.59
N ASP D 153 18.94 22.56 -68.01
CA ASP D 153 19.21 23.76 -68.81
C ASP D 153 18.63 25.00 -68.12
N ASN D 154 18.92 25.12 -66.83
CA ASN D 154 18.52 26.24 -65.98
C ASN D 154 17.01 26.39 -65.85
N ALA D 155 16.26 25.33 -66.13
CA ALA D 155 14.81 25.32 -65.97
C ALA D 155 14.46 24.46 -64.74
N LEU D 156 13.71 25.05 -63.82
CA LEU D 156 13.36 24.40 -62.56
C LEU D 156 12.34 23.31 -62.83
N GLN D 157 12.70 22.08 -62.46
CA GLN D 157 11.84 20.92 -62.66
C GLN D 157 10.81 20.81 -61.53
N SER D 158 9.65 20.25 -61.86
CA SER D 158 8.66 19.93 -60.84
C SER D 158 7.86 18.70 -61.27
N GLY D 159 7.68 17.77 -60.34
CA GLY D 159 6.80 16.64 -60.56
C GLY D 159 7.46 15.43 -61.15
N ASN D 160 8.77 15.45 -61.32
CA ASN D 160 9.52 14.36 -61.94
C ASN D 160 10.69 13.92 -61.10
N SER D 161 10.66 14.20 -59.79
CA SER D 161 11.70 13.80 -58.86
C SER D 161 11.08 13.22 -57.60
N GLN D 162 11.74 12.20 -57.03
CA GLN D 162 11.37 11.60 -55.75
C GLN D 162 12.59 11.57 -54.84
N GLU D 163 12.36 11.77 -53.54
CA GLU D 163 13.39 11.73 -52.52
C GLU D 163 13.20 10.53 -51.60
N SER D 164 14.31 9.96 -51.17
CA SER D 164 14.36 9.06 -50.02
C SER D 164 15.44 9.56 -49.07
N VAL D 165 15.18 9.35 -47.77
CA VAL D 165 16.06 9.75 -46.68
C VAL D 165 16.33 8.53 -45.81
N THR D 166 17.57 8.40 -45.38
CA THR D 166 17.92 7.34 -44.46
C THR D 166 17.46 7.71 -43.05
N GLU D 167 17.35 6.69 -42.20
CA GLU D 167 17.18 6.96 -40.78
C GLU D 167 18.47 7.52 -40.21
N GLN D 168 18.33 8.27 -39.11
CA GLN D 168 19.49 8.87 -38.48
C GLN D 168 20.54 7.83 -38.12
N ASP D 169 21.77 8.06 -38.55
CA ASP D 169 22.83 7.07 -38.36
C ASP D 169 23.14 6.87 -36.88
N SER D 170 23.22 5.60 -36.46
CA SER D 170 23.47 5.27 -35.07
C SER D 170 24.84 5.75 -34.59
N LYS D 171 25.84 5.82 -35.49
CA LYS D 171 27.17 6.20 -35.04
C LYS D 171 27.54 7.66 -35.26
N ASP D 172 27.04 8.35 -36.29
CA ASP D 172 27.43 9.76 -36.43
C ASP D 172 26.26 10.74 -36.40
N SER D 173 25.03 10.25 -36.27
CA SER D 173 23.84 11.06 -36.06
C SER D 173 23.47 11.91 -37.27
N THR D 174 23.96 11.53 -38.45
CA THR D 174 23.68 12.25 -39.69
C THR D 174 22.56 11.58 -40.47
N TYR D 175 22.08 12.31 -41.47
CA TYR D 175 21.13 11.81 -42.44
C TYR D 175 21.78 11.80 -43.82
N SER D 176 21.30 10.93 -44.70
CA SER D 176 21.67 10.98 -46.11
C SER D 176 20.38 10.90 -46.94
N LEU D 177 20.47 11.45 -48.15
CA LEU D 177 19.27 11.69 -48.94
C LEU D 177 19.61 11.49 -50.41
N SER D 178 18.69 10.87 -51.14
CA SER D 178 18.81 10.66 -52.58
C SER D 178 17.61 11.29 -53.22
N SER D 179 17.83 12.19 -54.16
CA SER D 179 16.78 12.70 -55.02
C SER D 179 16.99 12.11 -56.41
N THR D 180 15.95 11.53 -56.98
CA THR D 180 16.06 10.86 -58.28
C THR D 180 15.17 11.58 -59.28
N LEU D 181 15.78 12.05 -60.39
CA LEU D 181 15.08 12.73 -61.48
C LEU D 181 14.87 11.74 -62.62
N THR D 182 13.62 11.58 -63.04
CA THR D 182 13.29 10.57 -64.04
C THR D 182 12.65 11.25 -65.25
N LEU D 183 13.35 11.15 -66.38
CA LEU D 183 12.88 11.62 -67.67
C LEU D 183 12.86 10.44 -68.65
N SER D 184 12.04 10.59 -69.69
CA SER D 184 12.16 9.74 -70.86
C SER D 184 13.52 9.97 -71.53
N LYS D 185 14.01 8.92 -72.22
CA LYS D 185 15.23 9.06 -73.01
C LYS D 185 15.11 10.19 -74.01
N ALA D 186 13.93 10.30 -74.65
CA ALA D 186 13.68 11.38 -75.60
C ALA D 186 13.81 12.76 -74.96
N ASP D 187 13.23 12.93 -73.77
CA ASP D 187 13.36 14.20 -73.07
C ASP D 187 14.79 14.42 -72.62
N TYR D 188 15.44 13.35 -72.12
CA TYR D 188 16.79 13.49 -71.58
C TYR D 188 17.77 13.94 -72.67
N GLU D 189 17.59 13.45 -73.89
CA GLU D 189 18.48 13.80 -74.99
C GLU D 189 18.10 15.09 -75.68
N LYS D 190 17.08 15.81 -75.19
CA LYS D 190 16.76 17.13 -75.74
C LYS D 190 17.60 18.22 -75.11
N HIS D 191 18.21 17.96 -73.95
CA HIS D 191 18.82 18.99 -73.13
C HIS D 191 20.27 18.60 -72.81
N LYS D 192 21.01 19.57 -72.28
CA LYS D 192 22.46 19.46 -72.14
C LYS D 192 22.92 19.45 -70.70
N VAL D 193 22.50 20.43 -69.90
CA VAL D 193 23.00 20.62 -68.54
C VAL D 193 22.00 20.07 -67.54
N TYR D 194 22.46 19.19 -66.66
CA TYR D 194 21.67 18.59 -65.61
C TYR D 194 22.31 18.92 -64.27
N ALA D 195 21.58 19.65 -63.43
CA ALA D 195 22.11 20.16 -62.19
C ALA D 195 21.14 19.89 -61.05
N CYS D 196 21.66 19.50 -59.89
CA CYS D 196 20.87 19.57 -58.67
C CYS D 196 21.49 20.62 -57.77
N GLU D 197 20.66 21.56 -57.33
CA GLU D 197 21.08 22.59 -56.38
C GLU D 197 20.65 22.15 -54.98
N VAL D 198 21.56 22.28 -54.02
CA VAL D 198 21.32 21.83 -52.66
C VAL D 198 21.42 23.04 -51.74
N THR D 199 20.42 23.21 -50.88
CA THR D 199 20.45 24.24 -49.83
C THR D 199 20.40 23.57 -48.48
N HIS D 200 21.29 24.00 -47.58
CA HIS D 200 21.37 23.38 -46.26
C HIS D 200 22.05 24.33 -45.30
N GLN D 201 21.72 24.17 -44.02
CA GLN D 201 22.16 25.09 -42.97
C GLN D 201 23.68 25.15 -42.86
N GLY D 202 24.38 24.06 -43.18
CA GLY D 202 25.83 24.06 -43.12
C GLY D 202 26.52 24.59 -44.37
N LEU D 203 25.79 24.91 -45.42
CA LEU D 203 26.36 25.46 -46.64
C LEU D 203 26.27 26.98 -46.61
N SER D 204 27.42 27.65 -46.71
CA SER D 204 27.42 29.12 -46.78
C SER D 204 26.55 29.60 -47.94
N SER D 205 26.78 29.05 -49.12
CA SER D 205 26.02 29.31 -50.34
C SER D 205 25.52 27.99 -50.89
N PRO D 206 24.36 27.99 -51.56
CA PRO D 206 23.83 26.74 -52.11
C PRO D 206 24.78 26.10 -53.10
N VAL D 207 25.00 24.82 -52.91
CA VAL D 207 25.94 24.03 -53.67
C VAL D 207 25.23 23.40 -54.85
N THR D 208 25.75 23.62 -56.06
CA THR D 208 25.21 23.05 -57.29
C THR D 208 26.21 22.06 -57.87
N LYS D 209 25.75 20.85 -58.17
CA LYS D 209 26.54 19.84 -58.85
C LYS D 209 25.84 19.48 -60.16
N SER D 210 26.61 19.42 -61.24
CA SER D 210 26.03 19.29 -62.57
C SER D 210 26.95 18.48 -63.47
N PHE D 211 26.39 18.08 -64.61
CA PHE D 211 27.14 17.51 -65.72
C PHE D 211 26.44 17.89 -67.02
N ASN D 212 27.21 17.98 -68.10
CA ASN D 212 26.65 18.16 -69.43
C ASN D 212 26.52 16.82 -70.11
N ARG D 213 25.33 16.53 -70.59
CA ARG D 213 25.05 15.26 -71.25
C ARG D 213 25.98 15.07 -72.44
N GLY D 214 26.72 13.96 -72.43
CA GLY D 214 27.68 13.67 -73.47
C GLY D 214 29.12 13.91 -73.09
N GLU D 215 29.37 14.74 -72.07
CA GLU D 215 30.74 14.97 -71.61
C GLU D 215 31.23 13.77 -70.80
N CYS D 216 32.56 13.67 -70.70
CA CYS D 216 33.20 12.56 -70.00
C CYS D 216 33.21 12.76 -68.48
N GLU E 1 -5.09 -13.14 -22.26
CA GLU E 1 -6.41 -12.51 -22.22
C GLU E 1 -6.84 -12.04 -23.61
N VAL E 2 -7.05 -10.73 -23.77
CA VAL E 2 -7.54 -10.16 -25.03
C VAL E 2 -6.44 -10.19 -26.08
N GLN E 3 -6.81 -10.53 -27.31
CA GLN E 3 -5.85 -10.60 -28.39
C GLN E 3 -6.55 -10.33 -29.71
N LEU E 4 -5.93 -9.52 -30.57
CA LEU E 4 -6.51 -9.14 -31.86
C LEU E 4 -5.62 -9.66 -32.97
N VAL E 5 -6.20 -10.42 -33.88
CA VAL E 5 -5.45 -11.12 -34.91
C VAL E 5 -6.01 -10.71 -36.25
N GLN E 6 -5.21 -10.00 -37.03
CA GLN E 6 -5.65 -9.49 -38.32
C GLN E 6 -5.24 -10.43 -39.44
N SER E 7 -5.95 -10.29 -40.57
CA SER E 7 -5.70 -11.13 -41.73
C SER E 7 -4.37 -10.75 -42.37
N GLY E 8 -3.97 -11.52 -43.35
CA GLY E 8 -2.63 -11.37 -43.89
C GLY E 8 -2.51 -10.26 -44.90
N ALA E 9 -1.27 -10.06 -45.35
CA ALA E 9 -0.95 -9.01 -46.30
C ALA E 9 -1.68 -9.23 -47.62
N GLU E 10 -1.96 -8.13 -48.31
CA GLU E 10 -2.72 -8.15 -49.55
C GLU E 10 -2.00 -7.32 -50.61
N VAL E 11 -2.07 -7.80 -51.85
CA VAL E 11 -1.63 -7.05 -53.02
C VAL E 11 -2.82 -6.93 -53.94
N LYS E 12 -3.19 -5.71 -54.27
CA LYS E 12 -4.45 -5.45 -54.93
C LYS E 12 -4.21 -4.50 -56.08
N LYS E 13 -4.92 -4.71 -57.19
CA LYS E 13 -4.69 -3.82 -58.31
C LYS E 13 -5.62 -2.61 -58.25
N PRO E 14 -5.21 -1.47 -58.81
CA PRO E 14 -6.06 -0.27 -58.77
C PRO E 14 -7.47 -0.54 -59.26
N GLY E 15 -8.44 -0.18 -58.44
CA GLY E 15 -9.84 -0.35 -58.77
C GLY E 15 -10.50 -1.49 -58.02
N SER E 16 -9.69 -2.36 -57.43
CA SER E 16 -10.21 -3.52 -56.73
C SER E 16 -10.60 -3.11 -55.32
N SER E 17 -11.12 -4.07 -54.55
CA SER E 17 -11.49 -3.83 -53.16
C SER E 17 -10.71 -4.78 -52.27
N VAL E 18 -10.68 -4.48 -50.97
CA VAL E 18 -9.99 -5.32 -50.00
C VAL E 18 -10.84 -5.35 -48.73
N LYS E 19 -10.91 -6.53 -48.10
CA LYS E 19 -11.65 -6.70 -46.85
C LYS E 19 -10.69 -7.34 -45.85
N VAL E 20 -10.34 -6.56 -44.83
CA VAL E 20 -9.39 -6.96 -43.79
C VAL E 20 -10.20 -7.36 -42.57
N SER E 21 -9.80 -8.47 -41.93
CA SER E 21 -10.49 -9.01 -40.78
C SER E 21 -9.67 -8.73 -39.51
N CYS E 22 -10.34 -8.82 -38.37
CA CYS E 22 -9.69 -8.66 -37.07
C CYS E 22 -10.48 -9.51 -36.08
N LYS E 23 -9.92 -10.69 -35.74
CA LYS E 23 -10.56 -11.63 -34.83
C LYS E 23 -10.11 -11.35 -33.40
N ALA E 24 -11.07 -11.09 -32.51
CA ALA E 24 -10.81 -10.78 -31.12
C ALA E 24 -11.11 -11.98 -30.23
N SER E 25 -10.21 -12.25 -29.29
CA SER E 25 -10.39 -13.26 -28.28
C SER E 25 -10.42 -12.59 -26.92
N GLY E 26 -11.28 -13.05 -26.02
CA GLY E 26 -11.27 -12.52 -24.66
C GLY E 26 -12.60 -12.09 -24.05
N GLY E 27 -13.67 -12.05 -24.83
CA GLY E 27 -14.99 -11.77 -24.28
C GLY E 27 -15.30 -10.30 -24.05
N THR E 28 -14.48 -9.40 -24.58
CA THR E 28 -14.73 -7.96 -24.49
C THR E 28 -15.16 -7.38 -25.84
N PHE E 29 -15.54 -8.24 -26.78
CA PHE E 29 -15.76 -7.80 -28.15
C PHE E 29 -17.01 -6.93 -28.27
N SER E 30 -18.18 -7.48 -27.92
CA SER E 30 -19.45 -6.81 -28.15
C SER E 30 -19.52 -5.44 -27.47
N SER E 31 -19.04 -5.34 -26.23
CA SER E 31 -19.11 -4.11 -25.46
C SER E 31 -17.91 -3.20 -25.67
N SER E 32 -17.26 -3.30 -26.82
CA SER E 32 -16.04 -2.57 -27.11
C SER E 32 -16.29 -1.57 -28.24
N VAL E 33 -15.40 -0.58 -28.31
CA VAL E 33 -15.27 0.26 -29.49
C VAL E 33 -14.13 -0.31 -30.31
N ILE E 34 -14.42 -0.72 -31.54
CA ILE E 34 -13.44 -1.32 -32.42
C ILE E 34 -13.20 -0.35 -33.56
N SER E 35 -11.97 0.13 -33.69
CA SER E 35 -11.62 1.13 -34.69
C SER E 35 -10.55 0.57 -35.62
N TRP E 36 -10.46 1.21 -36.77
CA TRP E 36 -9.45 0.92 -37.77
C TRP E 36 -8.59 2.16 -37.97
N VAL E 37 -7.29 1.93 -38.01
CA VAL E 37 -6.26 2.96 -38.09
C VAL E 37 -5.37 2.63 -39.26
N ARG E 38 -4.99 3.64 -40.04
CA ARG E 38 -4.15 3.48 -41.21
C ARG E 38 -2.82 4.21 -41.00
N GLN E 39 -1.74 3.65 -41.53
CA GLN E 39 -0.47 4.36 -41.59
C GLN E 39 0.16 4.17 -42.96
N ALA E 40 0.15 5.25 -43.76
CA ALA E 40 0.80 5.23 -45.06
C ALA E 40 2.31 5.35 -44.88
N PRO E 41 3.11 4.73 -45.77
CA PRO E 41 4.56 4.75 -45.59
C PRO E 41 5.12 6.18 -45.53
N GLY E 42 5.90 6.43 -44.48
CA GLY E 42 6.45 7.73 -44.24
C GLY E 42 5.54 8.67 -43.50
N GLN E 43 4.33 8.25 -43.18
CA GLN E 43 3.31 9.13 -42.65
C GLN E 43 2.89 8.67 -41.26
N GLY E 44 1.98 9.43 -40.67
CA GLY E 44 1.54 9.18 -39.32
C GLY E 44 0.31 8.30 -39.27
N LEU E 45 -0.19 8.14 -38.05
CA LEU E 45 -1.36 7.32 -37.79
C LEU E 45 -2.62 8.14 -38.02
N GLU E 46 -3.61 7.51 -38.66
CA GLU E 46 -4.82 8.17 -39.10
C GLU E 46 -6.02 7.31 -38.74
N TRP E 47 -6.89 7.82 -37.88
CA TRP E 47 -8.10 7.07 -37.52
C TRP E 47 -9.10 7.11 -38.68
N MET E 48 -9.56 5.93 -39.10
CA MET E 48 -10.47 5.83 -40.23
C MET E 48 -11.93 5.78 -39.81
N GLY E 49 -12.20 5.13 -38.69
CA GLY E 49 -13.57 4.89 -38.32
C GLY E 49 -13.64 3.80 -37.28
N GLY E 50 -14.87 3.59 -36.80
CA GLY E 50 -15.04 2.63 -35.73
C GLY E 50 -16.50 2.25 -35.59
N ILE E 51 -16.71 1.24 -34.76
CA ILE E 51 -18.04 0.67 -34.55
C ILE E 51 -18.06 0.04 -33.16
N ILE E 52 -19.24 0.02 -32.57
CA ILE E 52 -19.53 -0.70 -31.34
C ILE E 52 -20.41 -1.89 -31.73
N PRO E 53 -19.91 -3.12 -31.64
CA PRO E 53 -20.69 -4.26 -32.15
C PRO E 53 -22.03 -4.47 -31.46
N LEU E 54 -22.23 -3.88 -30.29
CA LEU E 54 -23.53 -3.91 -29.63
C LEU E 54 -24.58 -3.06 -30.33
N PHE E 55 -24.17 -1.97 -30.98
CA PHE E 55 -25.11 -1.06 -31.65
C PHE E 55 -25.04 -1.13 -33.16
N GLY E 56 -23.90 -1.53 -33.74
CA GLY E 56 -23.76 -1.72 -35.17
C GLY E 56 -23.81 -0.46 -36.02
N SER E 57 -23.73 0.72 -35.42
CA SER E 57 -23.76 1.99 -36.15
C SER E 57 -22.32 2.48 -36.32
N ALA E 58 -21.71 2.20 -37.48
CA ALA E 58 -20.34 2.62 -37.69
C ALA E 58 -20.24 4.14 -37.91
N ASN E 59 -19.10 4.70 -37.51
CA ASN E 59 -18.80 6.12 -37.64
C ASN E 59 -17.44 6.26 -38.30
N TYR E 60 -17.34 7.18 -39.26
CA TYR E 60 -16.17 7.29 -40.12
C TYR E 60 -15.58 8.68 -40.04
N ALA E 61 -14.26 8.74 -40.17
CA ALA E 61 -13.60 10.02 -40.42
C ALA E 61 -14.04 10.55 -41.78
N GLN E 62 -14.14 11.88 -41.87
CA GLN E 62 -14.62 12.49 -43.10
C GLN E 62 -13.80 12.02 -44.31
N LYS E 63 -12.48 11.89 -44.13
CA LYS E 63 -11.59 11.55 -45.23
C LYS E 63 -11.89 10.16 -45.81
N PHE E 64 -12.64 9.31 -45.09
CA PHE E 64 -12.88 7.91 -45.49
C PHE E 64 -14.35 7.58 -45.67
N GLN E 65 -15.24 8.58 -45.57
CA GLN E 65 -16.67 8.29 -45.49
C GLN E 65 -17.19 7.59 -46.75
N GLY E 66 -16.57 7.80 -47.90
CA GLY E 66 -17.10 7.22 -49.11
C GLY E 66 -16.74 5.78 -49.43
N ARG E 67 -15.49 5.38 -49.18
CA ARG E 67 -14.94 4.12 -49.69
C ARG E 67 -14.73 3.06 -48.62
N VAL E 68 -14.95 3.35 -47.34
CA VAL E 68 -14.68 2.42 -46.25
C VAL E 68 -16.00 2.00 -45.63
N THR E 69 -16.14 0.69 -45.40
CA THR E 69 -17.28 0.12 -44.70
C THR E 69 -16.73 -0.73 -43.57
N ILE E 70 -17.07 -0.38 -42.33
CA ILE E 70 -16.62 -1.09 -41.14
C ILE E 70 -17.81 -1.85 -40.57
N THR E 71 -17.66 -3.18 -40.45
CA THR E 71 -18.70 -4.09 -39.98
C THR E 71 -18.14 -4.88 -38.80
N ALA E 72 -19.05 -5.48 -38.02
CA ALA E 72 -18.61 -6.32 -36.91
C ALA E 72 -19.61 -7.45 -36.75
N ASP E 73 -19.10 -8.62 -36.41
CA ASP E 73 -19.89 -9.84 -36.34
C ASP E 73 -19.75 -10.41 -34.93
N GLU E 74 -20.81 -10.25 -34.13
CA GLU E 74 -20.75 -10.73 -32.74
C GLU E 74 -20.71 -12.25 -32.66
N SER E 75 -21.23 -12.95 -33.67
CA SER E 75 -21.30 -14.40 -33.59
C SER E 75 -19.93 -15.04 -33.77
N THR E 76 -18.97 -14.29 -34.31
CA THR E 76 -17.63 -14.81 -34.54
C THR E 76 -16.55 -13.87 -34.01
N SER E 77 -16.93 -12.84 -33.24
CA SER E 77 -16.01 -11.88 -32.63
C SER E 77 -14.98 -11.37 -33.64
N THR E 78 -15.43 -11.13 -34.86
CA THR E 78 -14.57 -10.65 -35.93
C THR E 78 -15.09 -9.31 -36.47
N ALA E 79 -14.20 -8.33 -36.55
CA ALA E 79 -14.47 -7.04 -37.16
C ALA E 79 -13.81 -6.97 -38.52
N TYR E 80 -14.36 -6.09 -39.36
CA TYR E 80 -13.94 -6.03 -40.75
C TYR E 80 -13.83 -4.59 -41.22
N MET E 81 -12.85 -4.35 -42.09
CA MET E 81 -12.70 -3.09 -42.82
C MET E 81 -12.65 -3.40 -44.31
N GLU E 82 -13.64 -2.91 -45.05
CA GLU E 82 -13.66 -3.08 -46.50
C GLU E 82 -13.48 -1.73 -47.18
N MET E 83 -12.48 -1.65 -48.06
CA MET E 83 -12.20 -0.44 -48.82
C MET E 83 -12.36 -0.73 -50.30
N THR E 84 -13.16 0.09 -50.99
CA THR E 84 -13.42 -0.08 -52.42
C THR E 84 -12.63 0.97 -53.22
N SER E 85 -12.59 0.74 -54.53
CA SER E 85 -11.96 1.63 -55.53
C SER E 85 -10.54 2.00 -55.13
N LEU E 86 -9.73 0.97 -54.90
CA LEU E 86 -8.39 1.16 -54.37
C LEU E 86 -7.52 1.96 -55.34
N ARG E 87 -6.62 2.76 -54.79
CA ARG E 87 -5.62 3.44 -55.57
C ARG E 87 -4.25 3.27 -54.92
N SER E 88 -3.19 3.65 -55.64
CA SER E 88 -1.85 3.47 -55.09
C SER E 88 -1.70 4.18 -53.75
N GLU E 89 -2.38 5.31 -53.56
CA GLU E 89 -2.30 6.08 -52.32
C GLU E 89 -2.90 5.34 -51.15
N ASP E 90 -3.65 4.27 -51.39
CA ASP E 90 -4.21 3.49 -50.30
C ASP E 90 -3.21 2.46 -49.76
N THR E 91 -2.03 2.37 -50.37
CA THR E 91 -0.95 1.54 -49.85
C THR E 91 -0.56 1.99 -48.44
N ALA E 92 -0.77 1.10 -47.47
CA ALA E 92 -0.57 1.41 -46.06
C ALA E 92 -0.63 0.12 -45.25
N VAL E 93 -0.26 0.24 -43.99
CA VAL E 93 -0.61 -0.77 -42.98
C VAL E 93 -1.91 -0.35 -42.30
N TYR E 94 -2.88 -1.25 -42.25
CA TYR E 94 -4.16 -1.04 -41.58
C TYR E 94 -4.18 -1.82 -40.27
N TYR E 95 -4.50 -1.13 -39.17
CA TYR E 95 -4.52 -1.67 -37.83
C TYR E 95 -5.95 -1.67 -37.29
N CYS E 96 -6.34 -2.74 -36.57
CA CYS E 96 -7.52 -2.66 -35.72
C CYS E 96 -7.08 -2.37 -34.30
N ALA E 97 -7.85 -1.50 -33.65
CA ALA E 97 -7.60 -1.08 -32.29
C ALA E 97 -8.94 -1.05 -31.54
N LYS E 98 -8.87 -1.42 -30.28
CA LYS E 98 -10.06 -1.76 -29.52
C LYS E 98 -9.95 -1.14 -28.12
N VAL E 99 -11.06 -0.61 -27.63
CA VAL E 99 -11.19 -0.15 -26.26
C VAL E 99 -12.41 -0.80 -25.64
N SER E 100 -12.22 -1.47 -24.50
CA SER E 100 -13.34 -2.01 -23.76
C SER E 100 -13.95 -0.94 -22.87
N GLN E 101 -15.28 -0.97 -22.73
CA GLN E 101 -15.94 -0.04 -21.82
C GLN E 101 -15.49 -0.21 -20.38
N TRP E 102 -14.76 -1.28 -20.06
CA TRP E 102 -14.38 -1.61 -18.70
C TRP E 102 -12.95 -1.23 -18.36
N ALA E 103 -12.20 -0.68 -19.32
CA ALA E 103 -10.82 -0.27 -19.09
C ALA E 103 -10.48 0.91 -20.00
N LEU E 104 -9.35 1.57 -19.69
CA LEU E 104 -8.82 2.68 -20.48
C LEU E 104 -7.68 2.26 -21.41
N ILE E 105 -7.22 1.02 -21.29
CA ILE E 105 -6.18 0.52 -22.16
C ILE E 105 -6.73 0.27 -23.56
N LEU E 106 -5.82 0.27 -24.54
CA LEU E 106 -6.16 -0.04 -25.93
C LEU E 106 -5.48 -1.33 -26.34
N PHE E 107 -6.22 -2.16 -27.08
CA PHE E 107 -5.68 -3.39 -27.65
C PHE E 107 -5.55 -3.21 -29.15
N TRP E 108 -4.39 -3.58 -29.68
CA TRP E 108 -4.10 -3.40 -31.10
C TRP E 108 -3.82 -4.74 -31.76
N GLY E 109 -4.25 -4.86 -33.01
CA GLY E 109 -3.81 -5.95 -33.85
C GLY E 109 -2.41 -5.74 -34.41
N GLN E 110 -1.93 -6.76 -35.12
CA GLN E 110 -0.53 -6.73 -35.54
C GLN E 110 -0.32 -5.91 -36.81
N GLY E 111 -1.39 -5.47 -37.45
CA GLY E 111 -1.19 -4.74 -38.69
C GLY E 111 -1.41 -5.61 -39.91
N THR E 112 -2.01 -5.02 -40.94
CA THR E 112 -2.19 -5.68 -42.22
C THR E 112 -1.68 -4.77 -43.33
N LEU E 113 -0.66 -5.23 -44.07
CA LEU E 113 -0.12 -4.47 -45.19
C LEU E 113 -0.98 -4.65 -46.44
N VAL E 114 -1.41 -3.52 -47.03
CA VAL E 114 -2.16 -3.50 -48.29
C VAL E 114 -1.31 -2.70 -49.27
N THR E 115 -0.90 -3.35 -50.36
CA THR E 115 -0.09 -2.74 -51.41
C THR E 115 -0.92 -2.70 -52.68
N VAL E 116 -1.15 -1.50 -53.21
CA VAL E 116 -1.98 -1.32 -54.41
C VAL E 116 -1.04 -1.13 -55.60
N SER E 117 -1.06 -2.11 -56.50
CA SER E 117 -0.14 -2.16 -57.63
C SER E 117 -0.69 -3.09 -58.70
N SER E 118 -0.50 -2.70 -59.97
CA SER E 118 -0.85 -3.56 -61.10
C SER E 118 0.18 -4.66 -61.33
N ALA E 119 1.24 -4.67 -60.52
CA ALA E 119 2.45 -5.43 -60.82
C ALA E 119 2.32 -6.88 -60.40
N SER E 120 2.97 -7.72 -61.19
CA SER E 120 3.31 -9.09 -60.84
C SER E 120 4.75 -9.15 -60.34
N THR E 121 5.09 -10.28 -59.72
CA THR E 121 6.43 -10.46 -59.20
C THR E 121 7.47 -10.26 -60.28
N LYS E 122 8.47 -9.44 -59.98
CA LYS E 122 9.41 -8.98 -60.98
C LYS E 122 10.72 -8.62 -60.29
N GLY E 123 11.81 -9.08 -60.87
CA GLY E 123 13.09 -8.84 -60.26
C GLY E 123 13.68 -7.57 -60.81
N PRO E 124 14.65 -7.02 -60.11
CA PRO E 124 15.14 -5.68 -60.43
C PRO E 124 16.14 -5.68 -61.56
N SER E 125 16.12 -4.57 -62.30
CA SER E 125 17.27 -4.12 -63.08
C SER E 125 18.24 -3.37 -62.16
N VAL E 126 19.53 -3.65 -62.31
CA VAL E 126 20.58 -3.03 -61.49
C VAL E 126 21.50 -2.23 -62.41
N PHE E 127 21.57 -0.93 -62.17
CA PHE E 127 22.31 0.00 -62.99
C PHE E 127 23.42 0.67 -62.17
N PRO E 128 24.58 0.92 -62.77
CA PRO E 128 25.66 1.56 -62.01
C PRO E 128 25.47 3.07 -61.84
N LEU E 129 25.88 3.56 -60.67
CA LEU E 129 26.04 4.98 -60.37
C LEU E 129 27.55 5.21 -60.34
N ALA E 130 28.11 5.63 -61.48
CA ALA E 130 29.53 5.64 -61.71
C ALA E 130 30.18 6.82 -61.01
N PRO E 131 31.29 6.56 -60.31
CA PRO E 131 32.05 7.64 -59.69
C PRO E 131 32.62 8.58 -60.75
N SER E 132 32.65 9.85 -60.40
CA SER E 132 33.13 10.90 -61.29
C SER E 132 34.65 10.94 -61.30
N SER E 133 35.19 11.40 -62.43
CA SER E 133 36.60 11.74 -62.49
C SER E 133 36.89 13.15 -62.00
N LYS E 134 35.88 14.02 -61.98
CA LYS E 134 36.02 15.41 -61.55
C LYS E 134 35.17 15.79 -60.36
N SER E 135 34.03 15.12 -60.12
CA SER E 135 33.16 15.44 -59.00
C SER E 135 33.61 14.71 -57.73
N THR E 136 34.86 14.99 -57.35
CA THR E 136 35.40 14.53 -56.07
C THR E 136 35.05 15.56 -55.00
N SER E 137 34.24 15.13 -54.02
CA SER E 137 34.01 15.97 -52.86
C SER E 137 35.17 15.82 -51.87
N GLY E 138 36.17 16.68 -52.02
CA GLY E 138 37.29 16.79 -51.11
C GLY E 138 38.13 15.54 -50.90
N GLY E 139 38.41 14.80 -51.96
CA GLY E 139 39.18 13.58 -51.82
C GLY E 139 38.36 12.33 -51.62
N THR E 140 37.05 12.45 -51.45
CA THR E 140 36.18 11.28 -51.42
C THR E 140 35.37 11.20 -52.69
N ALA E 141 35.16 9.97 -53.17
CA ALA E 141 34.30 9.70 -54.31
C ALA E 141 33.07 8.93 -53.86
N ALA E 142 31.97 9.10 -54.61
CA ALA E 142 30.74 8.36 -54.38
C ALA E 142 30.45 7.45 -55.57
N LEU E 143 29.94 6.27 -55.28
CA LEU E 143 29.51 5.33 -56.29
C LEU E 143 28.30 4.58 -55.75
N GLY E 144 27.61 3.89 -56.65
CA GLY E 144 26.45 3.17 -56.20
C GLY E 144 25.83 2.31 -57.28
N CYS E 145 24.62 1.85 -56.95
CA CYS E 145 23.81 0.96 -57.75
C CYS E 145 22.39 1.49 -57.67
N LEU E 146 21.74 1.59 -58.81
CA LEU E 146 20.32 1.88 -58.87
C LEU E 146 19.59 0.56 -59.06
N VAL E 147 18.74 0.20 -58.09
CA VAL E 147 18.01 -1.06 -58.08
C VAL E 147 16.56 -0.74 -58.40
N LYS E 148 16.18 -0.95 -59.66
CA LYS E 148 14.99 -0.32 -60.22
C LYS E 148 14.02 -1.37 -60.74
N ASP E 149 12.72 -1.10 -60.55
CA ASP E 149 11.61 -1.78 -61.19
C ASP E 149 11.47 -3.23 -60.74
N TYR E 150 11.33 -3.44 -59.42
CA TYR E 150 11.07 -4.76 -58.87
C TYR E 150 9.76 -4.78 -58.09
N PHE E 151 9.27 -5.99 -57.84
CA PHE E 151 8.07 -6.16 -57.04
C PHE E 151 8.05 -7.61 -56.59
N PRO E 152 7.67 -7.90 -55.33
CA PRO E 152 7.39 -6.92 -54.27
C PRO E 152 8.63 -6.62 -53.45
N GLU E 153 8.43 -5.98 -52.30
CA GLU E 153 9.53 -5.85 -51.38
C GLU E 153 9.79 -7.21 -50.75
N PRO E 154 11.01 -7.45 -50.25
CA PRO E 154 12.19 -6.59 -50.30
C PRO E 154 13.34 -7.10 -51.19
N VAL E 155 14.31 -6.22 -51.37
CA VAL E 155 15.61 -6.58 -51.93
C VAL E 155 16.64 -6.40 -50.82
N THR E 156 17.72 -7.16 -50.91
CA THR E 156 18.91 -6.91 -50.09
C THR E 156 20.02 -6.44 -50.99
N VAL E 157 20.82 -5.50 -50.49
CA VAL E 157 21.98 -5.00 -51.19
C VAL E 157 23.18 -5.10 -50.27
N SER E 158 24.23 -5.78 -50.73
CA SER E 158 25.52 -5.82 -50.07
C SER E 158 26.58 -5.32 -51.04
N TRP E 159 27.74 -4.95 -50.50
CA TRP E 159 28.86 -4.49 -51.31
C TRP E 159 30.04 -5.42 -51.12
N ASN E 160 30.64 -5.85 -52.24
CA ASN E 160 31.78 -6.74 -52.22
C ASN E 160 31.53 -7.96 -51.32
N SER E 161 30.32 -8.52 -51.43
CA SER E 161 29.96 -9.77 -50.76
C SER E 161 29.99 -9.63 -49.24
N GLY E 162 29.73 -8.41 -48.74
CA GLY E 162 29.71 -8.13 -47.32
C GLY E 162 31.00 -7.61 -46.73
N ALA E 163 32.09 -7.63 -47.49
CA ALA E 163 33.37 -7.13 -47.02
C ALA E 163 33.41 -5.61 -46.94
N LEU E 164 32.45 -4.93 -47.56
CA LEU E 164 32.42 -3.48 -47.58
C LEU E 164 31.10 -3.07 -46.93
N THR E 165 31.19 -2.65 -45.66
CA THR E 165 30.05 -2.14 -44.91
C THR E 165 30.20 -0.67 -44.51
N SER E 166 31.41 -0.13 -44.57
CA SER E 166 31.70 1.24 -44.16
C SER E 166 31.31 2.23 -45.25
N GLY E 167 30.58 3.28 -44.88
CA GLY E 167 30.21 4.30 -45.85
C GLY E 167 29.03 3.97 -46.73
N VAL E 168 28.34 2.87 -46.49
CA VAL E 168 27.26 2.41 -47.34
C VAL E 168 25.95 3.02 -46.86
N HIS E 169 25.16 3.53 -47.80
CA HIS E 169 23.79 3.95 -47.51
C HIS E 169 22.87 3.27 -48.52
N THR E 170 21.99 2.40 -48.03
CA THR E 170 20.99 1.80 -48.88
C THR E 170 19.66 2.46 -48.52
N PHE E 171 19.09 3.17 -49.50
CA PHE E 171 17.95 4.03 -49.25
C PHE E 171 16.66 3.23 -49.29
N PRO E 172 15.67 3.63 -48.49
CA PRO E 172 14.37 2.96 -48.55
C PRO E 172 13.79 3.03 -49.95
N ALA E 173 13.09 1.97 -50.32
CA ALA E 173 12.49 1.94 -51.64
C ALA E 173 11.28 2.87 -51.71
N VAL E 174 10.97 3.30 -52.93
CA VAL E 174 9.71 3.98 -53.20
C VAL E 174 8.94 3.17 -54.21
N LEU E 175 7.62 3.17 -54.03
CA LEU E 175 6.69 2.67 -55.01
C LEU E 175 6.49 3.73 -56.08
N GLN E 176 6.99 3.45 -57.28
CA GLN E 176 6.89 4.36 -58.40
C GLN E 176 5.47 4.35 -58.95
N SER E 177 5.21 5.31 -59.84
CA SER E 177 3.87 5.33 -60.41
C SER E 177 3.59 4.12 -61.31
N SER E 178 4.61 3.32 -61.63
CA SER E 178 4.47 2.13 -62.47
C SER E 178 3.99 0.90 -61.71
N GLY E 179 3.86 1.01 -60.38
CA GLY E 179 3.52 -0.10 -59.51
C GLY E 179 4.71 -0.92 -59.07
N LEU E 180 5.91 -0.55 -59.51
CA LEU E 180 7.19 -1.18 -59.19
C LEU E 180 8.00 -0.29 -58.25
N TYR E 181 8.84 -0.94 -57.44
CA TYR E 181 9.72 -0.26 -56.48
C TYR E 181 11.08 0.09 -57.10
N SER E 182 11.75 1.03 -56.46
CA SER E 182 13.08 1.42 -56.89
C SER E 182 13.83 1.98 -55.71
N LEU E 183 15.13 1.68 -55.64
CA LEU E 183 15.97 2.23 -54.60
C LEU E 183 17.39 2.37 -55.14
N SER E 184 18.18 3.22 -54.47
CA SER E 184 19.61 3.31 -54.68
C SER E 184 20.37 2.84 -53.44
N SER E 185 21.53 2.25 -53.68
CA SER E 185 22.53 1.97 -52.66
C SER E 185 23.80 2.70 -53.05
N VAL E 186 24.39 3.47 -52.12
CA VAL E 186 25.58 4.24 -52.44
C VAL E 186 26.64 3.94 -51.41
N VAL E 187 27.89 4.24 -51.78
CA VAL E 187 29.00 4.09 -50.84
C VAL E 187 30.00 5.20 -51.14
N THR E 188 30.55 5.81 -50.09
CA THR E 188 31.64 6.77 -50.27
C THR E 188 32.96 6.12 -49.91
N VAL E 189 33.98 6.42 -50.72
CA VAL E 189 35.28 5.77 -50.68
C VAL E 189 36.34 6.83 -50.95
N PRO E 190 37.60 6.53 -50.64
CA PRO E 190 38.69 7.43 -51.03
C PRO E 190 38.80 7.52 -52.54
N SER E 191 38.94 8.74 -53.06
CA SER E 191 39.10 8.90 -54.50
C SER E 191 40.38 8.22 -54.97
N SER E 192 41.41 8.20 -54.12
CA SER E 192 42.70 7.61 -54.49
C SER E 192 42.62 6.12 -54.79
N SER E 193 41.52 5.47 -54.41
CA SER E 193 41.41 4.03 -54.55
C SER E 193 40.60 3.60 -55.77
N LEU E 194 40.04 4.57 -56.52
CA LEU E 194 39.10 4.24 -57.59
C LEU E 194 39.72 3.38 -58.68
N GLY E 195 41.01 3.52 -58.93
CA GLY E 195 41.61 2.71 -59.98
C GLY E 195 42.24 1.42 -59.51
N THR E 196 42.25 1.17 -58.21
CA THR E 196 42.86 -0.03 -57.64
C THR E 196 41.84 -0.98 -57.03
N GLN E 197 40.77 -0.45 -56.48
CA GLN E 197 39.83 -1.24 -55.71
C GLN E 197 38.61 -1.53 -56.54
N THR E 198 38.22 -2.80 -56.58
CA THR E 198 37.01 -3.21 -57.25
C THR E 198 35.81 -3.04 -56.32
N TYR E 199 34.71 -2.51 -56.87
CA TYR E 199 33.47 -2.32 -56.14
C TYR E 199 32.36 -3.03 -56.88
N ILE E 200 31.75 -4.02 -56.22
CA ILE E 200 30.64 -4.77 -56.79
C ILE E 200 29.47 -4.70 -55.82
N CYS E 201 28.28 -4.46 -56.34
CA CYS E 201 27.08 -4.45 -55.51
C CYS E 201 26.31 -5.72 -55.79
N ASN E 202 25.96 -6.43 -54.72
CA ASN E 202 25.25 -7.69 -54.79
C ASN E 202 23.80 -7.43 -54.42
N VAL E 203 22.89 -7.63 -55.39
CA VAL E 203 21.46 -7.44 -55.19
C VAL E 203 20.80 -8.81 -55.21
N ASN E 204 20.02 -9.10 -54.17
CA ASN E 204 19.24 -10.33 -54.09
C ASN E 204 17.78 -9.95 -53.93
N HIS E 205 16.93 -10.57 -54.75
CA HIS E 205 15.48 -10.38 -54.68
C HIS E 205 14.85 -11.77 -54.55
N LYS E 206 14.62 -12.21 -53.32
CA LYS E 206 14.11 -13.56 -53.10
C LYS E 206 12.74 -13.84 -53.71
N PRO E 207 11.78 -12.90 -53.76
CA PRO E 207 10.48 -13.24 -54.38
C PRO E 207 10.60 -13.72 -55.81
N SER E 208 11.53 -13.16 -56.59
CA SER E 208 11.74 -13.52 -57.98
C SER E 208 12.91 -14.48 -58.14
N ASN E 209 13.55 -14.86 -57.04
CA ASN E 209 14.74 -15.70 -57.06
C ASN E 209 15.78 -15.13 -58.03
N THR E 210 16.11 -13.85 -57.80
CA THR E 210 16.98 -13.06 -58.67
C THR E 210 18.19 -12.60 -57.87
N LYS E 211 19.39 -12.94 -58.34
CA LYS E 211 20.64 -12.45 -57.77
C LYS E 211 21.44 -11.78 -58.87
N VAL E 212 21.94 -10.58 -58.59
CA VAL E 212 22.64 -9.74 -59.56
C VAL E 212 23.85 -9.11 -58.87
N ASP E 213 25.03 -9.30 -59.47
CA ASP E 213 26.28 -8.69 -59.02
C ASP E 213 26.73 -7.69 -60.09
N LYS E 214 26.65 -6.39 -59.80
CA LYS E 214 26.97 -5.34 -60.76
C LYS E 214 28.29 -4.70 -60.38
N LYS E 215 29.27 -4.75 -61.29
CA LYS E 215 30.56 -4.13 -61.04
C LYS E 215 30.47 -2.66 -61.43
N VAL E 216 30.84 -1.78 -60.50
CA VAL E 216 30.70 -0.33 -60.70
C VAL E 216 32.08 0.25 -60.92
N GLU E 217 32.30 0.75 -62.14
CA GLU E 217 33.60 1.24 -62.55
C GLU E 217 33.54 2.72 -62.90
N PRO E 218 34.65 3.43 -62.72
CA PRO E 218 34.70 4.84 -63.13
C PRO E 218 34.36 5.00 -64.60
N LYS E 219 33.81 6.17 -64.92
CA LYS E 219 33.36 6.48 -66.26
C LYS E 219 34.52 6.91 -67.16
C1 NAG F . -6.25 -1.33 -16.55
C2 NAG F . -5.26 -1.82 -15.50
C3 NAG F . -4.21 -2.75 -16.12
C4 NAG F . -4.85 -3.85 -16.97
C5 NAG F . -5.85 -3.25 -17.96
C6 NAG F . -6.62 -4.30 -18.73
C7 NAG F . -5.07 -0.17 -13.71
C8 NAG F . -4.32 1.00 -13.18
N2 NAG F . -4.62 -0.70 -14.85
O3 NAG F . -3.49 -3.37 -15.08
O4 NAG F . -3.84 -4.53 -17.70
O5 NAG F . -6.82 -2.45 -17.27
O6 NAG F . -7.09 -5.32 -17.88
O7 NAG F . -6.05 -0.62 -13.13
C1 NAG F . -3.85 -5.93 -17.40
C2 NAG F . -2.87 -6.65 -18.34
C3 NAG F . -2.87 -8.15 -18.05
C4 NAG F . -2.64 -8.42 -16.56
C5 NAG F . -3.56 -7.56 -15.68
C6 NAG F . -3.16 -7.59 -14.23
C7 NAG F . -2.62 -5.44 -20.46
C8 NAG F . -3.10 -5.29 -21.87
N2 NAG F . -3.20 -6.40 -19.73
O3 NAG F . -1.84 -8.77 -18.81
O4 NAG F . -2.91 -9.81 -16.32
O5 NAG F . -3.48 -6.17 -16.06
O6 NAG F . -1.85 -7.06 -14.06
O7 NAG F . -1.72 -4.72 -20.01
C1 BMA F . -1.94 -10.49 -15.49
C2 BMA F . -2.58 -11.83 -15.09
C3 BMA F . -1.65 -12.63 -14.18
C4 BMA F . -0.21 -12.72 -14.74
C5 BMA F . 0.30 -11.32 -15.28
C6 BMA F . 1.59 -11.39 -16.08
O2 BMA F . -2.83 -12.61 -16.24
O3 BMA F . -2.15 -13.94 -13.98
O4 BMA F . 0.66 -13.20 -13.71
O5 BMA F . -0.70 -10.74 -16.15
O6 BMA F . 1.27 -11.54 -17.47
C1 MAN F . -2.55 -14.18 -12.62
C2 MAN F . -1.82 -15.42 -12.19
C3 MAN F . -2.12 -16.51 -13.23
C4 MAN F . -3.66 -16.75 -13.40
C5 MAN F . -4.48 -15.40 -13.47
C6 MAN F . -5.96 -15.60 -13.17
O2 MAN F . -2.31 -15.90 -10.93
O3 MAN F . -1.46 -17.74 -12.94
O4 MAN F . -3.90 -17.50 -14.57
O5 MAN F . -3.94 -14.39 -12.54
O6 MAN F . -6.65 -14.39 -13.48
C1 FUC F . -7.54 -6.42 -18.70
C2 FUC F . -8.08 -7.52 -17.77
C3 FUC F . -9.43 -7.08 -17.12
C4 FUC F . -10.45 -6.65 -18.23
C5 FUC F . -9.82 -5.55 -19.09
C6 FUC F . -10.68 -5.11 -20.26
O2 FUC F . -7.12 -7.93 -16.78
O3 FUC F . -10.00 -8.12 -16.34
O4 FUC F . -10.81 -7.75 -19.06
O5 FUC F . -8.54 -5.99 -19.64
C1 GOL G . -10.66 -10.34 1.35
O1 GOL G . -11.01 -9.58 0.22
C2 GOL G . -9.18 -9.98 1.66
O2 GOL G . -8.96 -8.60 1.64
C3 GOL G . -8.81 -10.66 3.04
O3 GOL G . -7.75 -9.91 3.60
C1 GOL H . -10.73 -3.85 -14.19
O1 GOL H . -10.97 -3.50 -15.54
C2 GOL H . -9.19 -3.73 -13.87
O2 GOL H . -8.78 -2.39 -13.75
C3 GOL H . -8.99 -4.56 -12.56
O3 GOL H . -7.67 -4.99 -12.57
C1 GOL I . -22.74 15.66 9.79
O1 GOL I . -21.61 16.50 9.74
C2 GOL I . -22.39 14.52 10.82
O2 GOL I . -22.50 14.94 12.15
C3 GOL I . -23.37 13.34 10.48
O3 GOL I . -22.59 12.20 10.26
C1 GOL J . -0.22 11.54 8.25
O1 GOL J . -0.89 12.77 8.27
C2 GOL J . -0.83 10.69 9.43
O2 GOL J . -0.21 9.44 9.60
C3 GOL J . -0.83 11.65 10.72
O3 GOL J . -0.63 10.85 11.89
CL CL K . -1.84 14.68 15.97
CL CL L . -7.79 11.07 -7.30
CL CL M . -10.86 21.47 6.31
CL CL N . -28.84 1.69 -2.96
K K O . -4.39 9.52 -3.94
C1 GOL P . -7.10 -1.28 25.67
O1 GOL P . -8.39 -1.05 26.12
C2 GOL P . -6.13 -1.05 26.88
O2 GOL P . -4.81 -1.09 26.49
C3 GOL P . -6.54 0.33 27.55
O3 GOL P . -6.01 1.41 26.81
C1 GOL Q . -22.70 -13.84 27.20
O1 GOL Q . -21.57 -13.08 27.54
C2 GOL Q . -22.35 -15.38 27.28
O2 GOL Q . -23.22 -16.18 26.53
C3 GOL Q . -20.83 -15.54 26.94
O3 GOL Q . -20.45 -16.86 27.30
C1 GOL R . 17.98 -2.13 65.46
O1 GOL R . 18.92 -1.62 64.55
C2 GOL R . 16.70 -1.22 65.50
O2 GOL R . 16.01 -1.37 66.70
C3 GOL R . 17.16 0.27 65.24
O3 GOL R . 17.00 1.05 66.42
O1 TAR S . -2.50 -6.05 50.13
O11 TAR S . -4.24 -5.22 48.98
C1 TAR S . -3.75 -5.70 50.00
C2 TAR S . -4.59 -5.92 51.27
O2 TAR S . -4.96 -4.68 51.85
C3 TAR S . -5.86 -6.72 50.96
O3 TAR S . -5.63 -7.77 50.03
C4 TAR S . -6.94 -5.74 50.50
O4 TAR S . -8.08 -5.93 51.12
O41 TAR S . -6.73 -4.86 49.70
C1 GOL T . -15.91 -7.45 18.00
O1 GOL T . -15.51 -7.25 16.67
C2 GOL T . -14.99 -8.57 18.56
O2 GOL T . -14.84 -8.46 19.96
C3 GOL T . -15.58 -9.94 18.07
O3 GOL T . -15.12 -10.97 18.95
CL CL U . -12.36 18.38 32.57
K K V . -8.18 -11.97 34.29
K K W . -19.54 11.85 20.46
K K X . -5.76 8.70 37.61
K K Y . -12.83 -0.82 45.36
K K Z . -1.30 -12.79 56.53
C1 GOL AA . 7.20 -5.45 51.41
O1 GOL AA . 7.86 -6.28 50.47
C2 GOL AA . 6.84 -4.04 50.78
O2 GOL AA . 7.51 -3.04 51.44
C3 GOL AA . 5.29 -3.86 50.93
O3 GOL AA . 4.91 -4.24 52.24
CL CL BA . 16.85 -11.78 29.66
CL CL CA . -8.79 -14.06 15.18
K K DA . 8.33 4.15 34.71
K K EA . 6.51 -23.33 52.74
K K FA . 9.77 -6.98 52.57
K K GA . 5.35 -6.49 8.58
K K HA . 0.21 -17.69 75.78
C1 GOL IA . 30.11 13.08 -39.56
O1 GOL IA . 30.49 14.30 -38.98
C2 GOL IA . 30.44 13.13 -41.07
O2 GOL IA . 29.51 13.92 -41.81
C3 GOL IA . 30.51 11.60 -41.47
O3 GOL IA . 31.34 11.48 -42.60
C1 GOL JA . 5.58 0.79 -41.17
O1 GOL JA . 5.53 -0.28 -40.23
C2 GOL JA . 5.68 2.19 -40.41
O2 GOL JA . 5.63 3.33 -41.29
C3 GOL JA . 7.00 2.09 -39.48
O3 GOL JA . 7.45 3.40 -39.09
C1 GOL KA . 9.73 1.15 -24.57
O1 GOL KA . 9.34 0.10 -25.41
C2 GOL KA . 11.29 1.05 -24.36
O2 GOL KA . 11.63 0.25 -23.24
C3 GOL KA . 11.77 2.56 -24.19
O3 GOL KA . 12.20 3.08 -25.44
CL CL LA . -15.73 8.91 -24.19
CL CL MA . 1.02 -2.03 -27.97
CL CL NA . 1.66 3.31 -14.12
K K OA . 21.89 7.90 -42.19
K K PA . 22.84 4.69 -41.98
O1 TAR QA . 13.92 -3.35 -49.41
O11 TAR QA . 16.12 -2.93 -49.27
C1 TAR QA . 14.86 -2.61 -49.11
C2 TAR QA . 14.70 -1.23 -48.45
O2 TAR QA . 13.42 -0.64 -48.69
C3 TAR QA . 15.07 -1.32 -46.95
O3 TAR QA . 13.97 -1.79 -46.16
C4 TAR QA . 15.67 -0.02 -46.43
O4 TAR QA . 15.12 0.69 -45.61
O41 TAR QA . 16.83 0.24 -46.96
O1 TAR RA . 2.36 -7.64 -39.64
O11 TAR RA . 4.17 -7.65 -40.93
C1 TAR RA . 3.14 -7.07 -40.37
C2 TAR RA . 2.97 -5.58 -40.75
O2 TAR RA . 2.01 -4.97 -39.91
C3 TAR RA . 4.32 -4.83 -40.67
O3 TAR RA . 5.38 -5.72 -40.32
C4 TAR RA . 4.26 -3.65 -39.71
O4 TAR RA . 3.42 -3.81 -38.71
O41 TAR RA . 4.95 -2.66 -39.87
C1 GOL SA . 36.30 -4.75 -49.25
O1 GOL SA . 36.09 -4.80 -50.64
C2 GOL SA . 36.49 -3.24 -48.88
O2 GOL SA . 37.04 -3.07 -47.60
C3 GOL SA . 37.36 -2.64 -50.02
O3 GOL SA . 37.22 -1.23 -49.95
CL CL TA . -6.65 10.78 -36.87
CL CL UA . -0.69 11.95 -41.89
CL CL VA . 20.77 -5.77 -64.50
CL CL WA . -9.62 -9.04 -49.58
K K XA . 5.79 11.16 -39.41
#